data_4X07
#
_entry.id   4X07
#
_cell.length_a   97.960
_cell.length_b   58.640
_cell.length_c   114.590
_cell.angle_alpha   90.000
_cell.angle_beta   105.490
_cell.angle_gamma   90.000
#
_symmetry.space_group_name_H-M   'C 1 2 1'
#
loop_
_entity.id
_entity.type
_entity.pdbx_description
1 polymer VP1
2 branched alpha-L-fucopyranose-(1-2)-[2-acetamido-2-deoxy-alpha-D-galactopyranose-(1-3)]alpha-D-galactopyranose
3 non-polymer 'ACETATE ION'
4 water water
#
_entity_poly.entity_id   1
_entity_poly.type   'polypeptide(L)'
_entity_poly.pdbx_seq_one_letter_code
;SKPFTVPILTVEEMTNSRFPIPLEKLFTGPSGAFVVQPQNGRCTTDGVLLGTTQLSPVNICTFRGDVTHIAGSRNYTMNL
ASLNWNNYDPTEEIPAPLGTPDFVGKIQGLLTQTTKGDGSTRGHKATVYTGSAPFTPKLGSVQFSTDTENDFETHQNTKF
TPVGVIQDGSTTHRNEPQQWVLPSYSGRNVHNVHLAPAVAPTFPGEQLLFFRSTMPGCSGYPNMDLDCLLPQEWVQHFYQ
EAAPAQSDVALLRFVNPDTGRVLFECKLHKSGYVTVAHTGQHDLVIPPNGYFRFDSWVNQFYTLAPM
;
_entity_poly.pdbx_strand_id   A,B
#
loop_
_chem_comp.id
_chem_comp.type
_chem_comp.name
_chem_comp.formula
A2G D-saccharide, alpha linking 2-acetamido-2-deoxy-alpha-D-galactopyranose 'C8 H15 N O6'
ACT non-polymer 'ACETATE ION' 'C2 H3 O2 -1'
FUC L-saccharide, alpha linking alpha-L-fucopyranose 'C6 H12 O5'
GLA D-saccharide, alpha linking alpha-D-galactopyranose 'C6 H12 O6'
#
# COMPACT_ATOMS: atom_id res chain seq x y z
N SER A 1 14.52 26.98 14.42
CA SER A 1 14.19 25.89 13.52
C SER A 1 12.79 25.32 13.78
N LYS A 2 12.11 24.94 12.71
CA LYS A 2 10.80 24.31 12.79
C LYS A 2 10.87 23.02 13.62
N PRO A 3 9.98 22.86 14.62
CA PRO A 3 10.10 21.69 15.49
C PRO A 3 9.96 20.37 14.75
N PHE A 4 10.85 19.44 15.07
CA PHE A 4 10.84 18.11 14.50
C PHE A 4 9.82 17.25 15.23
N THR A 5 9.15 16.37 14.48
CA THR A 5 8.20 15.44 15.05
C THR A 5 8.22 14.12 14.28
N VAL A 6 7.77 13.05 14.91
CA VAL A 6 7.49 11.81 14.21
C VAL A 6 5.99 11.54 14.32
N PRO A 7 5.44 10.73 13.40
CA PRO A 7 4.01 10.47 13.47
C PRO A 7 3.63 9.79 14.78
N ILE A 8 2.36 9.90 15.16
CA ILE A 8 1.84 9.26 16.35
C ILE A 8 1.15 7.94 16.03
N LEU A 9 1.21 7.52 14.77
CA LEU A 9 0.69 6.21 14.38
C LEU A 9 1.48 5.14 15.12
N THR A 10 0.77 4.09 15.51
CA THR A 10 1.40 2.94 16.14
C THR A 10 2.08 2.06 15.09
N VAL A 11 2.94 1.15 15.56
CA VAL A 11 3.68 0.29 14.64
C VAL A 11 2.72 -0.46 13.70
N GLU A 12 1.66 -1.03 14.25
CA GLU A 12 0.75 -1.85 13.45
C GLU A 12 -0.15 -1.03 12.54
N GLU A 13 -0.16 0.29 12.74
CA GLU A 13 -0.90 1.20 11.87
C GLU A 13 -0.04 1.69 10.71
N MET A 14 1.21 1.21 10.61
CA MET A 14 2.15 1.71 9.61
C MET A 14 2.62 0.63 8.66
N THR A 15 3.32 1.05 7.62
CA THR A 15 3.61 0.24 6.44
C THR A 15 5.11 0.03 6.27
N ASN A 16 5.49 -1.17 5.88
CA ASN A 16 6.89 -1.43 5.54
C ASN A 16 7.25 -0.59 4.32
N SER A 17 8.42 0.04 4.37
CA SER A 17 8.87 0.87 3.27
C SER A 17 9.64 0.09 2.19
N ARG A 18 9.79 -1.22 2.38
CA ARG A 18 10.54 -2.05 1.43
C ARG A 18 9.67 -3.06 0.68
N PHE A 19 8.41 -3.17 1.07
CA PHE A 19 7.47 -4.10 0.43
C PHE A 19 6.08 -3.71 0.92
N PRO A 20 5.04 -3.81 0.06
CA PRO A 20 3.73 -3.24 0.41
C PRO A 20 2.91 -4.11 1.38
N ILE A 21 3.38 -4.19 2.61
CA ILE A 21 2.73 -4.97 3.66
C ILE A 21 2.82 -4.20 4.97
N PRO A 22 1.88 -4.46 5.89
CA PRO A 22 1.93 -3.74 7.16
C PRO A 22 3.15 -4.10 7.99
N LEU A 23 3.57 -3.17 8.82
CA LEU A 23 4.51 -3.49 9.89
C LEU A 23 3.84 -4.40 10.90
N GLU A 24 4.64 -5.28 11.51
CA GLU A 24 4.15 -6.21 12.52
C GLU A 24 4.77 -5.95 13.88
N LYS A 25 6.06 -5.63 13.90
CA LYS A 25 6.79 -5.56 15.15
C LYS A 25 8.11 -4.81 14.99
N LEU A 26 8.73 -4.53 16.13
CA LEU A 26 10.05 -3.98 16.20
C LEU A 26 11.01 -5.09 16.56
N PHE A 27 12.17 -5.08 15.93
CA PHE A 27 13.18 -6.11 16.12
C PHE A 27 14.55 -5.46 16.20
N THR A 28 15.38 -5.96 17.10
CA THR A 28 16.79 -5.53 17.11
C THR A 28 17.69 -6.75 17.12
N GLY A 29 18.86 -6.61 16.50
CA GLY A 29 19.83 -7.69 16.49
C GLY A 29 21.16 -7.14 16.02
N PRO A 30 22.24 -7.88 16.26
CA PRO A 30 23.56 -7.47 15.76
C PRO A 30 23.61 -7.54 14.24
N SER A 31 24.35 -6.64 13.60
CA SER A 31 24.34 -6.56 12.15
C SER A 31 25.74 -6.69 11.54
N GLY A 32 26.66 -7.30 12.26
CA GLY A 32 28.01 -7.49 11.77
C GLY A 32 28.17 -8.48 10.63
N ALA A 33 27.26 -9.44 10.49
CA ALA A 33 27.38 -10.44 9.42
C ALA A 33 26.81 -9.94 8.09
N PHE A 34 26.29 -8.71 8.08
CA PHE A 34 25.76 -8.16 6.86
C PHE A 34 26.02 -6.66 6.68
N VAL A 35 25.81 -6.21 5.46
CA VAL A 35 25.87 -4.80 5.14
C VAL A 35 24.43 -4.34 5.03
N VAL A 36 24.05 -3.40 5.88
CA VAL A 36 22.69 -2.90 5.91
C VAL A 36 22.64 -1.67 5.03
N GLN A 37 22.24 -1.87 3.78
CA GLN A 37 22.22 -0.79 2.80
C GLN A 37 20.96 -0.82 1.93
N PRO A 38 19.80 -0.93 2.58
CA PRO A 38 18.59 -0.92 1.77
C PRO A 38 18.43 0.41 1.05
N GLN A 39 17.73 0.39 -0.08
CA GLN A 39 17.58 1.58 -0.92
C GLN A 39 16.17 2.15 -0.88
N ASN A 40 15.20 1.32 -0.49
CA ASN A 40 13.85 1.79 -0.19
C ASN A 40 13.75 2.06 1.30
N GLY A 41 12.84 2.95 1.68
CA GLY A 41 12.70 3.38 3.06
C GLY A 41 13.90 4.16 3.58
N ARG A 42 14.45 5.01 2.70
CA ARG A 42 15.62 5.83 3.02
C ARG A 42 15.26 7.30 2.84
N CYS A 43 15.37 8.05 3.93
CA CYS A 43 14.99 9.46 3.95
C CYS A 43 15.64 10.11 5.16
N THR A 44 16.19 11.31 4.99
CA THR A 44 16.73 12.04 6.13
C THR A 44 15.59 12.59 7.00
N THR A 45 15.89 12.92 8.24
CA THR A 45 14.87 13.47 9.12
C THR A 45 14.35 14.81 8.62
N ASP A 46 15.12 15.53 7.81
CA ASP A 46 14.63 16.79 7.25
C ASP A 46 14.00 16.61 5.86
N GLY A 47 13.73 15.37 5.47
CA GLY A 47 12.84 15.11 4.34
C GLY A 47 13.48 14.91 2.98
N VAL A 48 14.75 14.56 2.94
CA VAL A 48 15.43 14.31 1.67
C VAL A 48 15.39 12.82 1.38
N LEU A 49 14.69 12.45 0.32
CA LEU A 49 14.60 11.06 -0.09
C LEU A 49 15.95 10.58 -0.61
N LEU A 50 16.29 9.33 -0.29
CA LEU A 50 17.57 8.77 -0.68
C LEU A 50 17.40 7.46 -1.44
N GLY A 51 18.45 7.03 -2.12
CA GLY A 51 18.42 5.75 -2.80
C GLY A 51 17.33 5.68 -3.85
N THR A 52 16.53 4.63 -3.80
CA THR A 52 15.41 4.46 -4.71
C THR A 52 14.07 4.79 -4.01
N THR A 53 14.14 5.55 -2.95
CA THR A 53 12.94 5.82 -2.16
C THR A 53 12.01 6.82 -2.82
N GLN A 54 10.74 6.42 -2.86
CA GLN A 54 9.66 7.31 -3.30
C GLN A 54 8.54 7.28 -2.26
N LEU A 55 7.45 8.00 -2.52
CA LEU A 55 6.50 8.31 -1.46
C LEU A 55 5.34 7.35 -1.32
N SER A 56 5.06 6.55 -2.36
CA SER A 56 3.89 5.69 -2.37
C SER A 56 4.14 4.36 -1.66
N PRO A 57 3.27 3.98 -0.72
CA PRO A 57 3.41 2.67 -0.09
C PRO A 57 3.03 1.51 -1.01
N VAL A 58 2.36 1.83 -2.13
N VAL A 58 2.40 1.81 -2.14
CA VAL A 58 1.87 0.83 -3.07
CA VAL A 58 1.89 0.75 -3.01
C VAL A 58 2.51 1.04 -4.46
C VAL A 58 2.65 0.56 -4.33
N ASN A 59 3.70 1.61 -4.48
N ASN A 59 3.60 1.44 -4.66
CA ASN A 59 4.51 1.63 -5.68
CA ASN A 59 4.42 1.27 -5.87
C ASN A 59 5.91 1.14 -5.35
C ASN A 59 5.73 0.51 -5.66
N ILE A 60 5.97 0.14 -4.43
CA ILE A 60 7.22 -0.51 -4.03
C ILE A 60 7.21 -1.95 -4.57
N CYS A 61 8.26 -2.31 -5.28
CA CYS A 61 8.40 -3.63 -5.91
C CYS A 61 7.41 -3.87 -7.04
N THR A 62 6.82 -2.79 -7.54
CA THR A 62 5.99 -2.82 -8.73
C THR A 62 6.83 -2.50 -9.97
N PHE A 63 6.37 -2.94 -11.14
CA PHE A 63 6.96 -2.55 -12.41
C PHE A 63 5.85 -2.25 -13.40
N ARG A 64 6.13 -1.39 -14.38
CA ARG A 64 5.20 -1.06 -15.44
C ARG A 64 5.97 -0.93 -16.74
N GLY A 65 5.35 -1.33 -17.85
CA GLY A 65 5.96 -1.13 -19.15
C GLY A 65 5.23 -1.92 -20.22
N ASP A 66 5.96 -2.35 -21.24
CA ASP A 66 5.40 -3.28 -22.21
C ASP A 66 6.29 -4.50 -22.27
N VAL A 67 5.74 -5.59 -22.78
CA VAL A 67 6.44 -6.86 -22.68
C VAL A 67 6.62 -7.53 -24.03
N THR A 68 7.69 -8.30 -24.12
CA THR A 68 8.02 -9.08 -25.31
C THR A 68 8.29 -10.51 -24.88
N HIS A 69 7.74 -11.46 -25.63
CA HIS A 69 7.82 -12.86 -25.30
C HIS A 69 9.17 -13.42 -25.74
N ILE A 70 9.74 -14.27 -24.90
CA ILE A 70 10.95 -14.99 -25.25
C ILE A 70 10.55 -16.35 -25.80
N ALA A 71 10.79 -16.54 -27.09
CA ALA A 71 10.38 -17.75 -27.80
C ALA A 71 10.88 -19.02 -27.11
N GLY A 72 10.01 -20.03 -27.04
CA GLY A 72 10.37 -21.31 -26.48
C GLY A 72 10.41 -21.30 -24.97
N SER A 73 9.60 -20.44 -24.36
CA SER A 73 9.56 -20.30 -22.91
C SER A 73 8.27 -19.64 -22.48
N ARG A 74 8.14 -19.45 -21.17
CA ARG A 74 7.05 -18.69 -20.58
C ARG A 74 7.59 -17.40 -19.98
N ASN A 75 8.75 -16.97 -20.48
CA ASN A 75 9.40 -15.76 -20.00
C ASN A 75 9.10 -14.56 -20.87
N TYR A 76 8.96 -13.39 -20.23
CA TYR A 76 8.69 -12.13 -20.90
C TYR A 76 9.69 -11.08 -20.43
N THR A 77 10.21 -10.30 -21.37
CA THR A 77 11.04 -9.16 -21.05
C THR A 77 10.14 -7.92 -20.97
N MET A 78 10.24 -7.18 -19.88
CA MET A 78 9.53 -5.91 -19.76
C MET A 78 10.47 -4.74 -19.99
N ASN A 79 10.12 -3.92 -20.98
CA ASN A 79 10.76 -2.65 -21.22
C ASN A 79 10.05 -1.64 -20.33
N LEU A 80 10.77 -1.13 -19.33
CA LEU A 80 10.14 -0.34 -18.29
C LEU A 80 9.69 1.04 -18.75
N ALA A 81 8.55 1.46 -18.23
CA ALA A 81 8.04 2.81 -18.34
C ALA A 81 8.04 3.46 -16.95
N SER A 82 7.78 4.77 -16.90
CA SER A 82 7.57 5.49 -15.65
C SER A 82 6.14 5.27 -15.09
N LEU A 83 5.88 5.76 -13.87
CA LEU A 83 4.58 5.59 -13.20
C LEU A 83 3.41 6.09 -14.05
N ASN A 84 3.62 7.19 -14.76
CA ASN A 84 2.58 7.75 -15.63
C ASN A 84 2.71 7.26 -17.07
N TRP A 85 3.39 6.13 -17.24
CA TRP A 85 3.45 5.41 -18.51
C TRP A 85 4.29 6.11 -19.59
N ASN A 86 5.18 7.01 -19.17
CA ASN A 86 6.11 7.62 -20.12
C ASN A 86 7.40 6.81 -20.22
N ASN A 87 8.24 7.17 -21.19
CA ASN A 87 9.51 6.49 -21.35
C ASN A 87 10.35 6.61 -20.10
N TYR A 88 11.06 5.54 -19.80
CA TYR A 88 11.97 5.51 -18.67
C TYR A 88 13.28 6.22 -19.03
N ASP A 89 13.79 7.02 -18.10
CA ASP A 89 15.03 7.77 -18.32
C ASP A 89 16.17 7.20 -17.47
N PRO A 90 17.05 6.41 -18.09
CA PRO A 90 18.14 5.80 -17.33
C PRO A 90 19.24 6.76 -16.86
N THR A 91 19.18 8.02 -17.29
CA THR A 91 20.24 8.97 -16.95
C THR A 91 19.94 9.75 -15.67
N GLU A 92 18.77 9.57 -15.09
CA GLU A 92 18.45 10.20 -13.82
C GLU A 92 19.45 9.68 -12.78
N GLU A 93 19.88 10.55 -11.87
CA GLU A 93 20.91 10.20 -10.91
C GLU A 93 20.35 9.45 -9.70
N ILE A 94 19.83 8.27 -9.98
CA ILE A 94 19.27 7.36 -8.97
C ILE A 94 19.79 5.97 -9.31
N PRO A 95 19.75 5.04 -8.33
CA PRO A 95 20.33 3.71 -8.58
C PRO A 95 19.56 2.88 -9.59
N ALA A 96 18.27 3.18 -9.67
CA ALA A 96 17.31 2.41 -10.45
C ALA A 96 15.99 3.16 -10.31
N PRO A 97 14.97 2.79 -11.09
CA PRO A 97 13.68 3.46 -10.89
C PRO A 97 13.25 3.45 -9.43
N LEU A 98 12.66 4.54 -8.96
CA LEU A 98 12.24 4.59 -7.57
C LEU A 98 11.24 3.47 -7.30
N GLY A 99 11.42 2.78 -6.18
CA GLY A 99 10.56 1.66 -5.82
C GLY A 99 11.07 0.30 -6.27
N THR A 100 12.12 0.27 -7.08
CA THR A 100 12.73 -0.99 -7.51
C THR A 100 13.05 -1.86 -6.29
N PRO A 101 12.81 -3.18 -6.38
CA PRO A 101 13.24 -4.03 -5.25
C PRO A 101 14.69 -3.81 -4.86
N ASP A 102 14.97 -3.81 -3.55
CA ASP A 102 16.32 -3.58 -3.03
C ASP A 102 16.93 -4.81 -2.34
N PHE A 103 16.46 -5.99 -2.74
CA PHE A 103 17.05 -7.22 -2.25
C PHE A 103 17.07 -8.28 -3.35
N VAL A 104 17.99 -9.23 -3.20
CA VAL A 104 18.09 -10.37 -4.08
C VAL A 104 17.11 -11.44 -3.62
N GLY A 105 16.18 -11.75 -4.50
CA GLY A 105 15.16 -12.72 -4.19
C GLY A 105 14.25 -12.95 -5.38
N LYS A 106 13.34 -13.86 -5.21
CA LYS A 106 12.38 -14.22 -6.24
C LYS A 106 11.02 -13.74 -5.77
N ILE A 107 10.56 -12.67 -6.39
CA ILE A 107 9.33 -12.01 -5.99
C ILE A 107 8.21 -12.43 -6.93
N GLN A 108 7.17 -13.02 -6.35
CA GLN A 108 6.04 -13.50 -7.13
C GLN A 108 4.85 -12.57 -6.95
N GLY A 109 4.07 -12.43 -8.01
CA GLY A 109 2.87 -11.63 -7.97
C GLY A 109 2.08 -11.88 -9.23
N LEU A 110 1.36 -10.88 -9.69
CA LEU A 110 0.60 -10.98 -10.93
C LEU A 110 1.05 -9.92 -11.92
N LEU A 111 1.22 -10.37 -13.16
CA LEU A 111 1.44 -9.51 -14.29
C LEU A 111 0.10 -9.32 -14.98
N THR A 112 -0.33 -8.06 -15.11
CA THR A 112 -1.62 -7.73 -15.70
C THR A 112 -1.46 -6.79 -16.88
N GLN A 113 -2.42 -6.79 -17.79
CA GLN A 113 -2.31 -6.01 -19.01
C GLN A 113 -3.70 -5.62 -19.51
N THR A 114 -3.78 -4.43 -20.09
CA THR A 114 -4.98 -3.95 -20.78
C THR A 114 -4.63 -3.64 -22.22
N THR A 115 -5.49 -4.09 -23.13
CA THR A 115 -5.41 -3.72 -24.53
C THR A 115 -6.16 -2.42 -24.71
N LYS A 116 -5.46 -1.39 -25.18
CA LYS A 116 -6.05 -0.06 -25.24
C LYS A 116 -7.31 0.00 -26.10
N GLY A 117 -7.27 -0.66 -27.24
CA GLY A 117 -8.31 -0.55 -28.25
C GLY A 117 -9.70 -0.95 -27.78
N ASP A 118 -9.79 -2.02 -26.98
CA ASP A 118 -11.10 -2.55 -26.60
C ASP A 118 -11.28 -2.75 -25.10
N GLY A 119 -10.25 -2.47 -24.32
CA GLY A 119 -10.35 -2.62 -22.88
C GLY A 119 -10.34 -4.06 -22.42
N SER A 120 -9.92 -4.97 -23.28
CA SER A 120 -9.74 -6.35 -22.87
C SER A 120 -8.53 -6.46 -21.94
N THR A 121 -8.59 -7.37 -20.99
CA THR A 121 -7.58 -7.48 -19.95
C THR A 121 -7.17 -8.92 -19.70
N ARG A 122 -6.05 -9.09 -19.03
CA ARG A 122 -5.48 -10.41 -18.77
C ARG A 122 -4.53 -10.31 -17.59
N GLY A 123 -4.38 -11.42 -16.89
CA GLY A 123 -3.57 -11.46 -15.68
C GLY A 123 -3.00 -12.85 -15.48
N HIS A 124 -1.72 -12.90 -15.16
CA HIS A 124 -1.01 -14.17 -15.02
C HIS A 124 -0.03 -14.11 -13.87
N LYS A 125 0.10 -15.23 -13.17
CA LYS A 125 1.10 -15.34 -12.13
C LYS A 125 2.47 -15.17 -12.76
N ALA A 126 3.32 -14.42 -12.06
CA ALA A 126 4.63 -14.07 -12.58
C ALA A 126 5.63 -13.90 -11.46
N THR A 127 6.89 -14.18 -11.75
CA THR A 127 7.97 -14.08 -10.80
C THR A 127 9.12 -13.33 -11.46
N VAL A 128 9.72 -12.41 -10.69
CA VAL A 128 10.96 -11.75 -11.09
C VAL A 128 12.08 -12.18 -10.14
N TYR A 129 13.19 -12.63 -10.74
CA TYR A 129 14.36 -13.09 -10.01
CA TYR A 129 14.35 -13.04 -9.93
C TYR A 129 15.35 -11.92 -9.98
N THR A 130 15.44 -11.19 -8.87
CA THR A 130 16.22 -9.95 -8.86
C THR A 130 17.72 -10.18 -8.82
N GLY A 131 18.14 -11.44 -8.67
CA GLY A 131 19.54 -11.81 -8.75
C GLY A 131 19.99 -12.29 -10.12
N SER A 132 19.05 -12.33 -11.07
CA SER A 132 19.30 -12.92 -12.38
C SER A 132 19.99 -11.94 -13.31
N ALA A 133 20.71 -12.48 -14.29
CA ALA A 133 21.40 -11.63 -15.24
C ALA A 133 20.49 -10.64 -15.99
N PRO A 134 19.28 -11.07 -16.37
CA PRO A 134 18.37 -10.12 -17.05
C PRO A 134 17.70 -9.09 -16.14
N PHE A 135 17.97 -9.11 -14.84
CA PHE A 135 17.44 -8.08 -13.96
C PHE A 135 18.28 -6.83 -14.09
N THR A 136 17.86 -5.93 -14.99
CA THR A 136 18.63 -4.72 -15.30
C THR A 136 17.72 -3.50 -15.27
N PRO A 137 17.03 -3.28 -14.13
CA PRO A 137 16.07 -2.17 -14.09
C PRO A 137 16.70 -0.81 -14.37
N LYS A 138 17.95 -0.58 -13.95
CA LYS A 138 18.61 0.69 -14.23
C LYS A 138 18.78 0.90 -15.75
N LEU A 139 18.96 -0.17 -16.51
CA LEU A 139 19.04 -0.08 -17.97
C LEU A 139 17.66 -0.02 -18.63
N GLY A 140 16.60 -0.27 -17.86
CA GLY A 140 15.24 -0.16 -18.37
C GLY A 140 14.61 -1.49 -18.78
N SER A 141 15.14 -2.60 -18.26
CA SER A 141 14.68 -3.92 -18.66
C SER A 141 14.72 -4.91 -17.50
N VAL A 142 13.62 -5.66 -17.30
CA VAL A 142 13.61 -6.81 -16.38
C VAL A 142 12.87 -7.97 -17.04
N GLN A 143 13.10 -9.18 -16.55
CA GLN A 143 12.46 -10.38 -17.10
C GLN A 143 11.54 -11.00 -16.05
N PHE A 144 10.40 -11.49 -16.50
CA PHE A 144 9.44 -12.21 -15.67
C PHE A 144 9.25 -13.62 -16.19
N SER A 145 9.18 -14.58 -15.27
CA SER A 145 8.73 -15.91 -15.65
CA SER A 145 8.73 -15.92 -15.62
C SER A 145 7.25 -15.97 -15.32
N THR A 146 6.46 -16.48 -16.26
CA THR A 146 4.99 -16.47 -16.13
C THR A 146 4.41 -17.84 -16.38
N ASP A 147 3.08 -17.92 -16.36
CA ASP A 147 2.40 -19.18 -16.63
C ASP A 147 1.74 -19.19 -18.02
N THR A 148 2.18 -18.29 -18.89
CA THR A 148 1.68 -18.29 -20.27
C THR A 148 2.79 -18.16 -21.32
N GLU A 149 2.56 -18.74 -22.48
CA GLU A 149 3.48 -18.62 -23.61
C GLU A 149 2.92 -17.73 -24.72
N ASN A 150 1.67 -17.29 -24.62
CA ASN A 150 1.07 -16.56 -25.73
C ASN A 150 0.00 -15.52 -25.41
N ASP A 151 -0.35 -15.33 -24.15
CA ASP A 151 -1.51 -14.47 -23.87
C ASP A 151 -1.17 -12.97 -23.86
N PHE A 152 0.05 -12.63 -23.46
CA PHE A 152 0.40 -11.21 -23.39
C PHE A 152 0.67 -10.62 -24.77
N GLU A 153 0.13 -9.45 -24.99
CA GLU A 153 0.30 -8.72 -26.24
C GLU A 153 1.47 -7.77 -26.15
N THR A 154 2.04 -7.44 -27.30
CA THR A 154 3.08 -6.45 -27.40
C THR A 154 2.51 -5.04 -27.46
N HIS A 155 3.30 -4.09 -27.01
CA HIS A 155 2.95 -2.68 -27.09
C HIS A 155 1.63 -2.36 -26.45
N GLN A 156 1.40 -2.98 -25.29
CA GLN A 156 0.27 -2.68 -24.43
C GLN A 156 0.74 -2.55 -23.00
N ASN A 157 0.21 -1.55 -22.30
CA ASN A 157 0.61 -1.27 -20.93
C ASN A 157 0.40 -2.48 -20.04
N THR A 158 1.44 -2.82 -19.30
CA THR A 158 1.52 -4.02 -18.49
C THR A 158 2.06 -3.64 -17.12
N LYS A 159 1.46 -4.20 -16.06
CA LYS A 159 1.87 -3.92 -14.68
C LYS A 159 2.22 -5.20 -13.96
N PHE A 160 3.24 -5.14 -13.12
CA PHE A 160 3.51 -6.18 -12.14
C PHE A 160 3.17 -5.69 -10.75
N THR A 161 2.33 -6.45 -10.07
CA THR A 161 1.97 -6.21 -8.68
C THR A 161 2.58 -7.31 -7.83
N PRO A 162 3.45 -6.96 -6.88
CA PRO A 162 4.11 -7.98 -6.05
C PRO A 162 3.17 -8.54 -4.99
N VAL A 163 3.36 -9.79 -4.61
CA VAL A 163 2.61 -10.38 -3.51
C VAL A 163 3.55 -10.95 -2.44
N GLY A 164 4.55 -11.71 -2.84
CA GLY A 164 5.43 -12.31 -1.87
C GLY A 164 6.66 -12.92 -2.50
N VAL A 165 7.27 -13.86 -1.80
CA VAL A 165 8.56 -14.41 -2.24
C VAL A 165 8.53 -15.93 -2.27
N ILE A 166 9.42 -16.50 -3.08
CA ILE A 166 9.57 -17.95 -3.16
C ILE A 166 10.98 -18.41 -2.91
N GLN A 167 11.13 -19.72 -2.72
CA GLN A 167 12.43 -20.36 -2.55
C GLN A 167 12.38 -21.72 -3.23
N ASP A 168 13.53 -22.19 -3.67
CA ASP A 168 13.65 -23.55 -4.23
CA ASP A 168 13.65 -23.54 -4.22
C ASP A 168 13.76 -24.57 -3.11
N GLY A 169 12.65 -25.26 -2.82
CA GLY A 169 12.58 -26.22 -1.73
C GLY A 169 13.55 -27.39 -1.75
N SER A 170 14.26 -27.57 -2.86
CA SER A 170 15.22 -28.67 -2.97
C SER A 170 16.59 -28.21 -2.51
N THR A 171 16.68 -26.94 -2.13
CA THR A 171 17.92 -26.39 -1.62
C THR A 171 17.70 -25.91 -0.19
N THR A 172 18.79 -25.59 0.50
CA THR A 172 18.75 -25.24 1.91
C THR A 172 17.61 -24.29 2.25
N HIS A 173 16.81 -24.67 3.23
CA HIS A 173 15.64 -23.88 3.58
C HIS A 173 16.03 -22.51 4.09
N ARG A 174 15.22 -21.52 3.71
CA ARG A 174 15.40 -20.15 4.14
C ARG A 174 16.69 -19.47 3.71
N ASN A 175 17.32 -20.01 2.66
CA ASN A 175 18.52 -19.46 2.06
C ASN A 175 18.27 -18.29 1.11
N GLU A 176 17.00 -18.03 0.82
CA GLU A 176 16.61 -16.87 0.03
C GLU A 176 15.18 -16.50 0.42
N PRO A 177 14.78 -15.25 0.17
CA PRO A 177 15.56 -14.10 -0.27
C PRO A 177 16.69 -13.75 0.68
N GLN A 178 17.59 -12.89 0.21
CA GLN A 178 18.64 -12.34 1.03
C GLN A 178 18.38 -10.84 1.15
N GLN A 179 17.70 -10.43 2.22
CA GLN A 179 17.17 -9.08 2.32
C GLN A 179 18.24 -8.00 2.40
N TRP A 180 19.46 -8.37 2.79
CA TRP A 180 20.54 -7.40 2.92
C TRP A 180 21.53 -7.45 1.75
N VAL A 181 21.17 -8.14 0.67
CA VAL A 181 22.00 -8.19 -0.52
C VAL A 181 21.33 -7.39 -1.63
N LEU A 182 21.96 -6.30 -2.04
CA LEU A 182 21.43 -5.46 -3.11
C LEU A 182 21.53 -6.21 -4.44
N PRO A 183 20.51 -6.07 -5.30
CA PRO A 183 20.67 -6.51 -6.68
C PRO A 183 21.73 -5.66 -7.37
N SER A 184 22.19 -6.16 -8.51
CA SER A 184 23.00 -5.34 -9.40
C SER A 184 22.05 -4.70 -10.42
N TYR A 185 21.74 -3.44 -10.21
CA TYR A 185 20.66 -2.79 -10.95
C TYR A 185 20.90 -2.67 -12.46
N SER A 186 22.16 -2.70 -12.88
CA SER A 186 22.51 -2.69 -14.30
C SER A 186 23.05 -4.02 -14.77
N GLY A 187 22.86 -5.06 -13.97
CA GLY A 187 23.27 -6.39 -14.35
C GLY A 187 24.69 -6.76 -13.97
N ARG A 188 25.15 -7.87 -14.54
CA ARG A 188 26.40 -8.51 -14.13
C ARG A 188 27.61 -7.63 -14.37
N ASN A 189 28.42 -7.46 -13.33
CA ASN A 189 29.72 -6.80 -13.43
C ASN A 189 29.62 -5.31 -13.75
N VAL A 190 28.47 -4.70 -13.41
CA VAL A 190 28.31 -3.27 -13.50
C VAL A 190 28.01 -2.75 -12.09
N HIS A 191 28.77 -1.77 -11.63
CA HIS A 191 28.60 -1.26 -10.28
C HIS A 191 27.32 -0.46 -10.14
N ASN A 192 26.68 -0.58 -8.97
CA ASN A 192 25.55 0.25 -8.64
C ASN A 192 26.01 1.70 -8.43
N VAL A 193 25.10 2.64 -8.67
CA VAL A 193 25.40 4.07 -8.56
C VAL A 193 24.36 4.79 -7.70
N HIS A 194 24.77 5.93 -7.14
CA HIS A 194 23.87 6.85 -6.45
C HIS A 194 23.18 6.22 -5.24
N LEU A 195 23.84 5.28 -4.60
CA LEU A 195 23.23 4.56 -3.48
C LEU A 195 23.13 5.37 -2.21
N ALA A 196 22.06 5.14 -1.46
CA ALA A 196 22.02 5.51 -0.05
C ALA A 196 23.08 4.70 0.68
N PRO A 197 23.76 5.31 1.67
CA PRO A 197 24.88 4.61 2.30
C PRO A 197 24.46 3.46 3.21
N ALA A 198 25.40 2.56 3.48
CA ALA A 198 25.18 1.53 4.48
C ALA A 198 25.10 2.19 5.84
N VAL A 199 24.38 1.56 6.75
CA VAL A 199 24.22 2.05 8.11
C VAL A 199 24.62 1.00 9.12
N ALA A 200 25.08 1.44 10.28
CA ALA A 200 25.52 0.52 11.33
C ALA A 200 25.52 1.28 12.64
N PRO A 201 25.37 0.56 13.76
CA PRO A 201 25.59 1.26 15.03
C PRO A 201 27.04 1.73 15.13
N THR A 202 27.23 2.83 15.84
CA THR A 202 28.55 3.45 15.98
C THR A 202 28.96 3.62 17.44
N PHE A 203 28.01 3.48 18.35
CA PHE A 203 28.26 3.63 19.78
C PHE A 203 28.27 2.26 20.45
N PRO A 204 29.22 2.04 21.39
CA PRO A 204 29.29 0.72 22.01
C PRO A 204 28.01 0.29 22.70
N GLY A 205 27.61 -0.96 22.50
CA GLY A 205 26.42 -1.50 23.14
C GLY A 205 25.12 -1.22 22.38
N GLU A 206 25.22 -0.60 21.22
CA GLU A 206 24.03 -0.30 20.42
C GLU A 206 23.86 -1.23 19.22
N GLN A 207 22.59 -1.36 18.83
CA GLN A 207 22.19 -2.12 17.66
C GLN A 207 21.17 -1.29 16.90
N LEU A 208 21.07 -1.55 15.61
CA LEU A 208 19.96 -1.03 14.81
C LEU A 208 18.63 -1.53 15.37
N LEU A 209 17.62 -0.68 15.28
CA LEU A 209 16.24 -1.06 15.56
C LEU A 209 15.52 -1.08 14.23
N PHE A 210 14.93 -2.23 13.91
CA PHE A 210 14.29 -2.46 12.65
C PHE A 210 12.78 -2.51 12.80
N PHE A 211 12.10 -2.03 11.77
CA PHE A 211 10.66 -2.12 11.65
C PHE A 211 10.37 -3.32 10.76
N ARG A 212 9.82 -4.37 11.35
CA ARG A 212 9.79 -5.69 10.74
C ARG A 212 8.41 -6.15 10.29
N SER A 213 8.39 -6.80 9.13
CA SER A 213 7.21 -7.47 8.60
C SER A 213 7.59 -8.88 8.17
N THR A 214 6.58 -9.69 7.86
CA THR A 214 6.78 -11.02 7.30
C THR A 214 6.16 -11.04 5.90
N MET A 215 6.99 -11.19 4.87
CA MET A 215 6.46 -11.26 3.50
C MET A 215 5.69 -12.54 3.30
N PRO A 216 4.59 -12.49 2.53
CA PRO A 216 3.96 -13.75 2.16
C PRO A 216 4.92 -14.67 1.41
N GLY A 217 4.84 -15.97 1.70
CA GLY A 217 5.56 -16.97 0.96
C GLY A 217 4.65 -17.63 -0.05
N CYS A 218 5.14 -17.83 -1.27
CA CYS A 218 4.31 -18.32 -2.37
C CYS A 218 4.73 -19.69 -2.89
N SER A 219 5.84 -20.22 -2.37
CA SER A 219 6.35 -21.54 -2.77
CA SER A 219 6.35 -21.54 -2.76
C SER A 219 7.66 -21.81 -2.05
N GLY A 220 7.90 -23.08 -1.69
CA GLY A 220 9.16 -23.45 -1.08
C GLY A 220 9.28 -22.98 0.36
N TYR A 221 10.50 -22.76 0.81
CA TYR A 221 10.81 -22.46 2.20
C TYR A 221 11.57 -21.13 2.27
N PRO A 222 10.91 -20.03 1.94
CA PRO A 222 11.63 -18.75 1.91
C PRO A 222 11.90 -18.17 3.30
N ASN A 223 12.94 -17.36 3.40
CA ASN A 223 13.09 -16.45 4.52
C ASN A 223 12.18 -15.24 4.30
N MET A 224 11.13 -15.14 5.11
CA MET A 224 10.10 -14.13 4.92
C MET A 224 10.30 -12.87 5.75
N ASP A 225 11.36 -12.82 6.56
CA ASP A 225 11.64 -11.62 7.35
C ASP A 225 12.02 -10.43 6.48
N LEU A 226 11.42 -9.29 6.76
CA LEU A 226 11.78 -8.06 6.04
C LEU A 226 11.81 -6.88 6.98
N ASP A 227 13.00 -6.32 7.10
CA ASP A 227 13.26 -5.22 8.02
C ASP A 227 13.47 -3.93 7.25
N CYS A 228 12.79 -2.87 7.66
CA CYS A 228 13.05 -1.55 7.09
C CYS A 228 13.56 -0.61 8.15
N LEU A 229 14.23 0.46 7.72
CA LEU A 229 14.84 1.39 8.65
C LEU A 229 13.88 2.46 9.14
N LEU A 230 12.88 2.75 8.32
CA LEU A 230 11.86 3.75 8.63
C LEU A 230 10.54 3.25 8.08
N PRO A 231 9.44 3.42 8.83
CA PRO A 231 8.13 3.16 8.22
C PRO A 231 7.87 4.08 7.03
N GLN A 232 7.09 3.61 6.07
CA GLN A 232 6.79 4.46 4.93
C GLN A 232 6.10 5.75 5.37
N GLU A 233 5.27 5.66 6.40
CA GLU A 233 4.60 6.85 6.91
C GLU A 233 5.57 7.87 7.48
N TRP A 234 6.71 7.39 8.00
CA TRP A 234 7.74 8.33 8.46
C TRP A 234 8.41 9.04 7.28
N VAL A 235 8.70 8.30 6.21
CA VAL A 235 9.22 8.88 4.99
C VAL A 235 8.27 9.99 4.51
N GLN A 236 6.97 9.69 4.44
CA GLN A 236 6.00 10.69 3.96
C GLN A 236 5.94 11.90 4.90
N HIS A 237 6.08 11.66 6.20
CA HIS A 237 5.98 12.72 7.19
C HIS A 237 7.18 13.65 7.09
N PHE A 238 8.39 13.10 7.07
CA PHE A 238 9.60 13.92 7.03
C PHE A 238 9.64 14.70 5.72
N TYR A 239 9.24 14.04 4.63
CA TYR A 239 9.21 14.70 3.33
C TYR A 239 8.36 15.96 3.37
N GLN A 240 7.21 15.87 4.04
CA GLN A 240 6.32 17.01 4.12
C GLN A 240 6.78 18.07 5.13
N GLU A 241 7.18 17.61 6.31
CA GLU A 241 7.54 18.52 7.41
C GLU A 241 8.84 19.26 7.14
N ALA A 242 9.85 18.54 6.68
CA ALA A 242 11.14 19.14 6.35
C ALA A 242 11.67 19.97 7.51
N ALA A 243 11.56 19.42 8.72
CA ALA A 243 12.07 20.12 9.90
C ALA A 243 13.59 19.91 9.98
N PRO A 244 14.38 20.99 10.13
CA PRO A 244 15.84 20.87 10.18
C PRO A 244 16.36 20.07 11.36
N ALA A 245 17.37 19.24 11.14
CA ALA A 245 17.99 18.50 12.24
C ALA A 245 18.87 19.46 13.03
N GLN A 246 18.72 19.47 14.34
CA GLN A 246 19.51 20.39 15.16
C GLN A 246 20.73 19.70 15.77
N SER A 247 20.80 18.38 15.62
CA SER A 247 21.99 17.62 15.97
C SER A 247 21.98 16.33 15.16
N ASP A 248 22.95 15.47 15.38
CA ASP A 248 23.06 14.24 14.59
C ASP A 248 21.99 13.23 14.97
N VAL A 249 21.40 13.36 16.16
CA VAL A 249 20.44 12.37 16.67
C VAL A 249 19.23 12.98 17.36
N ALA A 250 18.06 12.55 16.94
CA ALA A 250 16.80 12.85 17.62
C ALA A 250 16.51 11.72 18.61
N LEU A 251 16.50 12.05 19.90
CA LEU A 251 16.17 11.09 20.93
C LEU A 251 14.66 10.91 20.93
N LEU A 252 14.22 9.68 20.75
CA LEU A 252 12.80 9.34 20.80
C LEU A 252 12.52 8.50 22.03
N ARG A 253 11.37 8.74 22.64
CA ARG A 253 10.85 7.84 23.66
C ARG A 253 9.65 7.09 23.10
N PHE A 254 9.59 5.80 23.39
CA PHE A 254 8.44 5.00 23.04
C PHE A 254 7.58 4.89 24.27
N VAL A 255 6.36 5.41 24.15
CA VAL A 255 5.49 5.67 25.30
C VAL A 255 4.27 4.79 25.22
N ASN A 256 3.82 4.29 26.36
CA ASN A 256 2.51 3.66 26.42
C ASN A 256 1.48 4.62 26.99
N PRO A 257 0.60 5.17 26.14
CA PRO A 257 -0.38 6.12 26.66
C PRO A 257 -1.36 5.47 27.64
N ASP A 258 -1.48 4.15 27.60
CA ASP A 258 -2.33 3.42 28.56
C ASP A 258 -1.89 3.68 30.00
N THR A 259 -0.62 3.41 30.28
CA THR A 259 -0.08 3.47 31.65
C THR A 259 0.60 4.80 31.89
N GLY A 260 0.93 5.51 30.81
CA GLY A 260 1.61 6.79 30.91
C GLY A 260 3.12 6.69 31.08
N ARG A 261 3.67 5.48 30.98
CA ARG A 261 5.11 5.27 31.18
C ARG A 261 5.88 5.03 29.88
N VAL A 262 7.07 5.62 29.80
CA VAL A 262 8.05 5.32 28.76
C VAL A 262 8.51 3.86 28.88
N LEU A 263 8.52 3.17 27.74
CA LEU A 263 8.93 1.78 27.69
C LEU A 263 10.42 1.70 27.38
N PHE A 264 10.86 2.49 26.40
CA PHE A 264 12.28 2.54 26.06
C PHE A 264 12.56 3.82 25.30
N GLU A 265 13.85 4.11 25.15
CA GLU A 265 14.26 5.25 24.34
C GLU A 265 15.22 4.76 23.25
N CYS A 266 15.33 5.55 22.20
CA CYS A 266 16.14 5.16 21.06
C CYS A 266 16.63 6.40 20.34
N LYS A 267 17.60 6.20 19.46
CA LYS A 267 18.18 7.29 18.69
C LYS A 267 17.74 7.24 17.24
N LEU A 268 17.13 8.32 16.76
CA LEU A 268 16.80 8.46 15.35
C LEU A 268 17.89 9.35 14.73
N HIS A 269 18.82 8.71 14.03
CA HIS A 269 19.92 9.41 13.42
C HIS A 269 19.39 10.24 12.26
N LYS A 270 19.95 11.43 12.08
CA LYS A 270 19.39 12.38 11.14
C LYS A 270 19.41 11.90 9.69
N SER A 271 20.30 10.96 9.38
CA SER A 271 20.36 10.38 8.05
C SER A 271 19.31 9.29 7.82
N GLY A 272 18.53 8.99 8.87
CA GLY A 272 17.32 8.20 8.72
C GLY A 272 17.43 6.74 9.10
N TYR A 273 17.84 6.46 10.33
CA TYR A 273 17.78 5.11 10.88
C TYR A 273 17.81 5.20 12.40
N VAL A 274 17.46 4.10 13.05
CA VAL A 274 17.27 4.06 14.49
C VAL A 274 18.19 3.06 15.17
N THR A 275 18.75 3.43 16.33
CA THR A 275 19.52 2.50 17.16
C THR A 275 18.99 2.48 18.60
N VAL A 276 19.26 1.37 19.29
CA VAL A 276 18.85 1.14 20.67
C VAL A 276 20.02 0.55 21.44
N ALA A 277 20.00 0.69 22.76
CA ALA A 277 21.03 0.08 23.60
C ALA A 277 20.59 -1.32 23.96
N HIS A 278 21.09 -2.29 23.22
CA HIS A 278 20.80 -3.70 23.45
C HIS A 278 21.86 -4.55 22.76
N THR A 279 22.17 -5.69 23.37
CA THR A 279 23.05 -6.66 22.78
C THR A 279 22.30 -7.98 22.66
N GLY A 280 22.13 -8.45 21.43
CA GLY A 280 21.45 -9.70 21.17
C GLY A 280 20.24 -9.51 20.29
N GLN A 281 19.72 -10.62 19.77
CA GLN A 281 18.51 -10.59 18.96
C GLN A 281 17.33 -10.50 19.89
N HIS A 282 16.37 -9.62 19.58
CA HIS A 282 15.21 -9.46 20.44
C HIS A 282 14.02 -8.95 19.65
N ASP A 283 12.90 -9.68 19.75
CA ASP A 283 11.60 -9.22 19.28
C ASP A 283 11.03 -8.36 20.38
N LEU A 284 10.86 -7.06 20.14
CA LEU A 284 10.31 -6.21 21.18
C LEU A 284 8.85 -6.53 21.44
N VAL A 285 8.48 -6.50 22.71
CA VAL A 285 7.09 -6.63 23.12
C VAL A 285 6.57 -5.24 23.46
N ILE A 286 5.59 -4.81 22.68
CA ILE A 286 5.03 -3.47 22.83
C ILE A 286 3.51 -3.52 22.90
N PRO A 287 2.91 -2.57 23.61
CA PRO A 287 1.44 -2.50 23.67
C PRO A 287 0.89 -1.95 22.37
N PRO A 288 -0.34 -2.34 22.00
CA PRO A 288 -0.92 -1.92 20.72
C PRO A 288 -1.01 -0.40 20.55
N ASN A 289 -1.18 0.36 21.63
CA ASN A 289 -1.29 1.82 21.53
C ASN A 289 0.02 2.55 21.71
N GLY A 290 1.11 1.80 21.84
CA GLY A 290 2.41 2.38 22.02
C GLY A 290 2.80 3.22 20.81
N TYR A 291 3.49 4.32 21.04
CA TYR A 291 3.96 5.14 19.93
C TYR A 291 5.27 5.87 20.27
N PHE A 292 5.94 6.33 19.24
CA PHE A 292 7.20 7.06 19.38
C PHE A 292 6.93 8.54 19.49
N ARG A 293 7.73 9.22 20.30
CA ARG A 293 7.61 10.66 20.52
C ARG A 293 9.01 11.28 20.55
N PHE A 294 9.20 12.33 19.77
CA PHE A 294 10.45 13.08 19.80
C PHE A 294 10.56 13.87 21.08
N ASP A 295 11.71 13.80 21.73
CA ASP A 295 11.89 14.49 23.01
C ASP A 295 12.98 15.53 22.96
N SER A 296 14.11 15.23 22.33
CA SER A 296 15.21 16.20 22.26
C SER A 296 16.29 15.84 21.26
N TRP A 297 17.03 16.85 20.83
CA TRP A 297 18.21 16.65 20.00
C TRP A 297 19.45 16.36 20.85
N VAL A 298 20.12 15.25 20.57
CA VAL A 298 21.33 14.85 21.31
C VAL A 298 22.49 14.52 20.35
N ASN A 299 23.66 14.22 20.90
CA ASN A 299 24.81 13.88 20.06
C ASN A 299 24.85 12.42 19.65
N GLN A 300 25.66 12.11 18.64
CA GLN A 300 25.76 10.78 18.07
C GLN A 300 26.06 9.70 19.11
N PHE A 301 26.86 10.04 20.12
CA PHE A 301 27.31 9.07 21.11
C PHE A 301 26.67 9.27 22.50
N TYR A 302 25.48 9.84 22.50
CA TYR A 302 24.63 9.93 23.68
C TYR A 302 24.39 8.52 24.24
N THR A 303 24.43 8.36 25.55
CA THR A 303 24.24 7.06 26.15
C THR A 303 22.78 6.81 26.47
N LEU A 304 22.19 5.83 25.80
CA LEU A 304 20.80 5.46 26.04
C LEU A 304 20.65 4.57 27.26
N ALA A 305 19.52 4.72 27.94
CA ALA A 305 19.12 3.72 28.91
C ALA A 305 18.94 2.39 28.18
N PRO A 306 19.34 1.28 28.81
CA PRO A 306 19.18 -0.01 28.16
C PRO A 306 17.74 -0.28 27.81
N MET A 307 17.56 -0.78 26.60
CA MET A 307 16.24 -1.04 26.08
C MET A 307 15.52 -2.01 26.98
N SER B 1 -9.23 26.63 18.78
CA SER B 1 -9.14 25.29 18.21
C SER B 1 -7.84 25.07 17.44
N LYS B 2 -7.30 23.86 17.54
CA LYS B 2 -6.10 23.47 16.82
C LYS B 2 -6.28 23.66 15.30
N PRO B 3 -5.34 24.36 14.64
CA PRO B 3 -5.55 24.64 13.22
C PRO B 3 -5.65 23.39 12.36
N PHE B 4 -6.64 23.39 11.49
CA PHE B 4 -6.88 22.30 10.55
C PHE B 4 -5.93 22.44 9.37
N THR B 5 -5.45 21.30 8.87
CA THR B 5 -4.60 21.26 7.68
C THR B 5 -4.87 20.00 6.88
N VAL B 6 -4.52 20.04 5.59
CA VAL B 6 -4.48 18.84 4.78
C VAL B 6 -3.03 18.61 4.36
N PRO B 7 -2.68 17.36 4.01
CA PRO B 7 -1.30 17.11 3.62
C PRO B 7 -0.91 17.92 2.40
N ILE B 8 0.40 18.13 2.22
CA ILE B 8 0.91 18.84 1.05
C ILE B 8 1.38 17.87 -0.03
N LEU B 9 1.15 16.58 0.18
CA LEU B 9 1.45 15.60 -0.86
C LEU B 9 0.59 15.89 -2.08
N THR B 10 1.18 15.68 -3.25
CA THR B 10 0.44 15.83 -4.50
C THR B 10 -0.45 14.62 -4.75
N VAL B 11 -1.38 14.75 -5.69
CA VAL B 11 -2.31 13.67 -5.99
C VAL B 11 -1.55 12.38 -6.31
N GLU B 12 -0.54 12.46 -7.16
CA GLU B 12 0.18 11.27 -7.61
C GLU B 12 1.11 10.68 -6.55
N GLU B 13 1.31 11.42 -5.47
CA GLU B 13 2.08 10.95 -4.33
C GLU B 13 1.20 10.26 -3.30
N MET B 14 -0.09 10.13 -3.58
CA MET B 14 -1.04 9.59 -2.59
C MET B 14 -1.74 8.34 -3.10
N THR B 15 -2.47 7.71 -2.19
CA THR B 15 -2.96 6.35 -2.37
C THR B 15 -4.47 6.31 -2.34
N ASN B 16 -5.07 5.49 -3.20
CA ASN B 16 -6.51 5.28 -3.16
C ASN B 16 -6.86 4.60 -1.84
N SER B 17 -7.91 5.08 -1.19
CA SER B 17 -8.34 4.54 0.08
C SER B 17 -9.30 3.35 -0.07
N ARG B 18 -9.62 2.96 -1.29
CA ARG B 18 -10.56 1.86 -1.54
C ARG B 18 -9.91 0.64 -2.19
N PHE B 19 -8.64 0.75 -2.57
CA PHE B 19 -7.91 -0.34 -3.18
C PHE B 19 -6.43 0.07 -3.18
N PRO B 20 -5.50 -0.89 -2.98
CA PRO B 20 -4.10 -0.52 -2.74
C PRO B 20 -3.33 -0.16 -4.02
N ILE B 21 -3.70 0.98 -4.60
CA ILE B 21 -3.08 1.48 -5.82
C ILE B 21 -2.94 2.99 -5.72
N PRO B 22 -1.97 3.56 -6.44
CA PRO B 22 -1.80 5.01 -6.37
C PRO B 22 -2.99 5.77 -6.96
N LEU B 23 -3.20 6.98 -6.46
CA LEU B 23 -4.08 7.91 -7.15
C LEU B 23 -3.46 8.33 -8.47
N GLU B 24 -4.32 8.59 -9.46
CA GLU B 24 -3.88 9.02 -10.78
C GLU B 24 -4.33 10.43 -11.12
N LYS B 25 -5.56 10.77 -10.73
CA LYS B 25 -6.16 12.02 -11.16
C LYS B 25 -7.36 12.39 -10.30
N LEU B 26 -7.83 13.60 -10.52
CA LEU B 26 -9.05 14.10 -9.94
C LEU B 26 -10.13 14.07 -11.00
N PHE B 27 -11.32 13.67 -10.61
CA PHE B 27 -12.45 13.54 -11.52
C PHE B 27 -13.70 14.09 -10.86
N THR B 28 -14.51 14.79 -11.63
CA THR B 28 -15.84 15.18 -11.14
C THR B 28 -16.90 14.78 -12.14
N GLY B 29 -18.08 14.46 -11.64
CA GLY B 29 -19.20 14.11 -12.50
C GLY B 29 -20.47 14.11 -11.70
N PRO B 30 -21.62 14.17 -12.37
CA PRO B 30 -22.91 14.08 -11.66
C PRO B 30 -23.10 12.71 -11.03
N SER B 31 -23.75 12.64 -9.88
CA SER B 31 -23.88 11.37 -9.17
C SER B 31 -25.32 10.98 -8.88
N GLY B 32 -26.25 11.50 -9.66
CA GLY B 32 -27.65 11.15 -9.50
C GLY B 32 -28.05 9.74 -9.85
N ALA B 33 -27.30 9.07 -10.72
CA ALA B 33 -27.65 7.69 -11.12
C ALA B 33 -27.13 6.65 -10.13
N PHE B 34 -26.45 7.11 -9.09
CA PHE B 34 -25.96 6.18 -8.08
C PHE B 34 -26.02 6.71 -6.66
N VAL B 35 -25.85 5.79 -5.72
CA VAL B 35 -25.74 6.12 -4.32
C VAL B 35 -24.26 6.02 -3.99
N VAL B 36 -23.69 7.14 -3.57
CA VAL B 36 -22.27 7.19 -3.25
C VAL B 36 -22.12 6.94 -1.77
N GLN B 37 -21.87 5.69 -1.42
CA GLN B 37 -21.78 5.28 -0.02
C GLN B 37 -20.62 4.32 0.22
N PRO B 38 -19.43 4.68 -0.26
CA PRO B 38 -18.30 3.80 0.01
C PRO B 38 -18.03 3.70 1.50
N GLN B 39 -17.44 2.59 1.94
CA GLN B 39 -17.19 2.35 3.34
C GLN B 39 -15.73 2.43 3.71
N ASN B 40 -14.84 2.28 2.72
CA ASN B 40 -13.43 2.56 2.89
C ASN B 40 -13.15 3.98 2.44
N GLY B 41 -12.10 4.59 3.00
CA GLY B 41 -11.80 5.98 2.74
C GLY B 41 -12.81 6.94 3.31
N ARG B 42 -13.32 6.61 4.50
CA ARG B 42 -14.32 7.42 5.19
C ARG B 42 -13.78 7.85 6.55
N CYS B 43 -13.68 9.17 6.73
CA CYS B 43 -13.10 9.75 7.94
C CYS B 43 -13.56 11.20 8.04
N THR B 44 -13.92 11.65 9.24
CA THR B 44 -14.27 13.05 9.42
C THR B 44 -12.99 13.89 9.41
N THR B 45 -13.13 15.19 9.19
CA THR B 45 -11.97 16.06 9.19
C THR B 45 -11.31 16.13 10.56
N ASP B 46 -12.05 15.83 11.63
CA ASP B 46 -11.44 15.80 12.95
C ASP B 46 -10.96 14.40 13.37
N GLY B 47 -10.90 13.48 12.41
CA GLY B 47 -10.16 12.24 12.61
C GLY B 47 -10.94 11.03 13.11
N VAL B 48 -12.24 11.03 12.92
CA VAL B 48 -13.06 9.88 13.31
C VAL B 48 -13.26 8.97 12.12
N LEU B 49 -12.71 7.77 12.21
CA LEU B 49 -12.84 6.77 11.15
C LEU B 49 -14.29 6.30 11.07
N LEU B 50 -14.78 6.09 9.85
CA LEU B 50 -16.15 5.67 9.64
C LEU B 50 -16.22 4.41 8.80
N GLY B 51 -17.39 3.77 8.81
CA GLY B 51 -17.60 2.60 7.99
C GLY B 51 -16.63 1.49 8.29
N THR B 52 -15.98 0.96 7.26
CA THR B 52 -14.97 -0.07 7.42
C THR B 52 -13.56 0.49 7.28
N THR B 53 -13.42 1.79 7.50
CA THR B 53 -12.13 2.43 7.28
C THR B 53 -11.13 2.15 8.38
N GLN B 54 -9.93 1.76 7.93
CA GLN B 54 -8.78 1.60 8.81
C GLN B 54 -7.59 2.36 8.24
N LEU B 55 -6.44 2.29 8.89
CA LEU B 55 -5.37 3.24 8.60
C LEU B 55 -4.35 2.78 7.58
N SER B 56 -4.27 1.47 7.33
CA SER B 56 -3.24 0.92 6.47
C SER B 56 -3.60 1.00 4.98
N PRO B 57 -2.72 1.56 4.15
CA PRO B 57 -2.99 1.56 2.71
C PRO B 57 -2.86 0.18 2.08
N VAL B 58 -2.25 -0.77 2.79
N VAL B 58 -2.27 -0.76 2.81
CA VAL B 58 -2.00 -2.09 2.23
CA VAL B 58 -1.99 -2.10 2.30
C VAL B 58 -2.82 -3.18 2.94
C VAL B 58 -2.67 -3.22 3.12
N ASN B 59 -3.76 -2.78 3.79
N ASN B 59 -3.88 -2.95 3.59
CA ASN B 59 -4.70 -3.73 4.39
CA ASN B 59 -4.70 -4.01 4.17
C ASN B 59 -6.12 -3.43 3.91
C ASN B 59 -6.10 -3.96 3.57
N ILE B 60 -6.24 -3.06 2.63
CA ILE B 60 -7.53 -2.80 2.00
C ILE B 60 -7.78 -3.90 0.95
N CYS B 61 -8.93 -4.54 1.05
CA CYS B 61 -9.31 -5.65 0.17
C CYS B 61 -8.47 -6.90 0.37
N THR B 62 -7.78 -6.96 1.50
CA THR B 62 -7.07 -8.16 1.93
C THR B 62 -7.96 -8.99 2.86
N PHE B 63 -7.67 -10.29 2.94
CA PHE B 63 -8.31 -11.17 3.92
C PHE B 63 -7.26 -12.08 4.53
N ARG B 64 -7.51 -12.54 5.76
CA ARG B 64 -6.63 -13.48 6.44
C ARG B 64 -7.48 -14.47 7.21
N GLY B 65 -7.01 -15.70 7.31
CA GLY B 65 -7.71 -16.69 8.11
C GLY B 65 -7.20 -18.08 7.82
N ASP B 66 -8.06 -19.07 7.95
CA ASP B 66 -7.72 -20.42 7.51
C ASP B 66 -8.78 -20.89 6.54
N VAL B 67 -8.43 -21.88 5.75
CA VAL B 67 -9.29 -22.27 4.64
C VAL B 67 -9.68 -23.72 4.67
N THR B 68 -10.85 -23.97 4.11
CA THR B 68 -11.40 -25.33 3.97
C THR B 68 -11.83 -25.53 2.53
N HIS B 69 -11.47 -26.69 1.98
CA HIS B 69 -11.75 -27.00 0.59
C HIS B 69 -13.18 -27.44 0.41
N ILE B 70 -13.78 -26.98 -0.67
CA ILE B 70 -15.11 -27.42 -1.05
C ILE B 70 -14.97 -28.58 -2.05
N ALA B 71 -15.34 -29.77 -1.61
CA ALA B 71 -15.17 -30.98 -2.41
C ALA B 71 -15.76 -30.85 -3.80
N GLY B 72 -15.04 -31.35 -4.81
CA GLY B 72 -15.53 -31.36 -6.18
C GLY B 72 -15.42 -30.01 -6.85
N SER B 73 -14.46 -29.21 -6.41
CA SER B 73 -14.28 -27.87 -6.94
C SER B 73 -12.87 -27.37 -6.65
N ARG B 74 -12.61 -26.15 -7.10
CA ARG B 74 -11.38 -25.43 -6.78
C ARG B 74 -11.68 -24.27 -5.84
N ASN B 75 -12.80 -24.36 -5.14
CA ASN B 75 -13.24 -23.32 -4.23
C ASN B 75 -12.84 -23.62 -2.78
N TYR B 76 -12.48 -22.56 -2.06
CA TYR B 76 -12.11 -22.64 -0.65
C TYR B 76 -12.90 -21.62 0.15
N THR B 77 -13.37 -22.05 1.32
CA THR B 77 -14.01 -21.15 2.27
C THR B 77 -12.94 -20.67 3.25
N MET B 78 -12.84 -19.35 3.43
CA MET B 78 -11.97 -18.79 4.43
C MET B 78 -12.73 -18.37 5.67
N ASN B 79 -12.36 -18.94 6.81
CA ASN B 79 -12.84 -18.52 8.10
C ASN B 79 -11.92 -17.37 8.53
N LEU B 80 -12.46 -16.18 8.61
CA LEU B 80 -11.65 -14.99 8.79
C LEU B 80 -11.05 -14.87 10.18
N ALA B 81 -9.81 -14.39 10.22
CA ALA B 81 -9.13 -13.96 11.43
C ALA B 81 -8.92 -12.44 11.38
N SER B 82 -8.47 -11.88 12.50
CA SER B 82 -8.05 -10.48 12.55
C SER B 82 -6.63 -10.27 11.99
N LEU B 83 -6.20 -9.01 11.86
CA LEU B 83 -4.88 -8.67 11.29
C LEU B 83 -3.73 -9.36 12.02
N ASN B 84 -3.84 -9.50 13.34
CA ASN B 84 -2.82 -10.17 14.13
C ASN B 84 -3.14 -11.64 14.37
N TRP B 85 -3.99 -12.19 13.50
CA TRP B 85 -4.26 -13.62 13.44
C TRP B 85 -5.07 -14.16 14.60
N ASN B 86 -5.79 -13.27 15.29
CA ASN B 86 -6.71 -13.72 16.34
C ASN B 86 -8.10 -13.98 15.78
N ASN B 87 -8.96 -14.57 16.60
CA ASN B 87 -10.32 -14.82 16.18
C ASN B 87 -11.03 -13.55 15.80
N TYR B 88 -11.86 -13.65 14.78
CA TYR B 88 -12.66 -12.52 14.32
C TYR B 88 -13.88 -12.36 15.22
N ASP B 89 -14.20 -11.10 15.58
CA ASP B 89 -15.33 -10.80 16.44
C ASP B 89 -16.45 -10.13 15.66
N PRO B 90 -17.50 -10.90 15.31
CA PRO B 90 -18.60 -10.34 14.51
C PRO B 90 -19.49 -9.35 15.26
N THR B 91 -19.31 -9.21 16.57
CA THR B 91 -20.18 -8.33 17.35
C THR B 91 -19.66 -6.89 17.44
N GLU B 92 -18.47 -6.63 16.91
CA GLU B 92 -17.97 -5.26 16.88
C GLU B 92 -18.93 -4.42 16.04
N GLU B 93 -19.15 -3.17 16.44
CA GLU B 93 -20.14 -2.32 15.79
C GLU B 93 -19.58 -1.64 14.53
N ILE B 94 -19.26 -2.48 13.55
CA ILE B 94 -18.75 -2.06 12.26
C ILE B 94 -19.49 -2.90 11.21
N PRO B 95 -19.50 -2.44 9.96
CA PRO B 95 -20.28 -3.15 8.93
C PRO B 95 -19.72 -4.52 8.58
N ALA B 96 -18.41 -4.65 8.76
CA ALA B 96 -17.64 -5.81 8.34
C ALA B 96 -16.22 -5.54 8.84
N PRO B 97 -15.33 -6.53 8.76
CA PRO B 97 -13.94 -6.25 9.15
C PRO B 97 -13.40 -5.02 8.45
N LEU B 98 -12.62 -4.21 9.16
CA LEU B 98 -12.07 -3.01 8.55
C LEU B 98 -11.23 -3.40 7.35
N GLY B 99 -11.41 -2.68 6.25
CA GLY B 99 -10.69 -2.97 5.01
C GLY B 99 -11.42 -3.90 4.04
N THR B 100 -12.54 -4.48 4.47
CA THR B 100 -13.35 -5.32 3.60
C THR B 100 -13.68 -4.56 2.31
N PRO B 101 -13.64 -5.25 1.14
CA PRO B 101 -14.09 -4.55 -0.07
C PRO B 101 -15.46 -3.91 0.07
N ASP B 102 -15.61 -2.72 -0.49
CA ASP B 102 -16.86 -1.96 -0.41
C ASP B 102 -17.57 -1.79 -1.75
N PHE B 103 -17.32 -2.72 -2.66
CA PHE B 103 -18.02 -2.74 -3.93
C PHE B 103 -18.29 -4.17 -4.38
N VAL B 104 -19.32 -4.32 -5.20
CA VAL B 104 -19.66 -5.59 -5.81
C VAL B 104 -18.80 -5.79 -7.05
N GLY B 105 -18.00 -6.83 -7.02
CA GLY B 105 -17.10 -7.12 -8.11
C GLY B 105 -16.35 -8.40 -7.85
N LYS B 106 -15.56 -8.78 -8.84
CA LYS B 106 -14.75 -9.98 -8.77
C LYS B 106 -13.31 -9.55 -8.67
N ILE B 107 -12.75 -9.70 -7.48
CA ILE B 107 -11.42 -9.23 -7.18
C ILE B 107 -10.46 -10.41 -7.23
N GLN B 108 -9.46 -10.30 -8.10
CA GLN B 108 -8.48 -11.36 -8.28
C GLN B 108 -7.16 -10.97 -7.64
N GLY B 109 -6.47 -11.96 -7.11
CA GLY B 109 -5.16 -11.74 -6.51
C GLY B 109 -4.54 -13.09 -6.26
N LEU B 110 -3.73 -13.17 -5.21
CA LEU B 110 -3.10 -14.42 -4.82
C LEU B 110 -3.47 -14.76 -3.38
N LEU B 111 -3.82 -16.03 -3.21
CA LEU B 111 -4.01 -16.64 -1.92
C LEU B 111 -2.72 -17.37 -1.55
N THR B 112 -2.14 -16.99 -0.41
CA THR B 112 -0.86 -17.56 0.03
C THR B 112 -0.99 -18.17 1.40
N GLN B 113 -0.13 -19.12 1.73
CA GLN B 113 -0.23 -19.85 2.98
C GLN B 113 1.16 -20.32 3.43
N THR B 114 1.35 -20.33 4.74
CA THR B 114 2.54 -20.90 5.38
C THR B 114 2.12 -22.00 6.34
N THR B 115 2.83 -23.12 6.26
CA THR B 115 2.67 -24.21 7.22
C THR B 115 3.58 -23.91 8.41
N LYS B 116 2.99 -23.78 9.59
CA LYS B 116 3.76 -23.33 10.75
C LYS B 116 4.93 -24.24 11.09
N GLY B 117 4.70 -25.55 10.99
CA GLY B 117 5.66 -26.53 11.45
C GLY B 117 7.00 -26.49 10.76
N ASP B 118 7.01 -26.26 9.45
CA ASP B 118 8.26 -26.35 8.69
C ASP B 118 8.55 -25.12 7.83
N GLY B 119 7.65 -24.15 7.83
CA GLY B 119 7.84 -22.95 7.04
C GLY B 119 7.67 -23.15 5.55
N SER B 120 7.06 -24.26 5.15
CA SER B 120 6.72 -24.48 3.76
C SER B 120 5.60 -23.52 3.36
N THR B 121 5.61 -23.08 2.11
CA THR B 121 4.68 -22.06 1.64
C THR B 121 4.10 -22.41 0.28
N ARG B 122 3.02 -21.73 -0.06
CA ARG B 122 2.31 -21.99 -1.31
C ARG B 122 1.48 -20.77 -1.68
N GLY B 123 1.24 -20.60 -2.97
CA GLY B 123 0.54 -19.44 -3.48
C GLY B 123 -0.20 -19.79 -4.75
N HIS B 124 -1.45 -19.34 -4.83
CA HIS B 124 -2.31 -19.67 -5.95
C HIS B 124 -3.17 -18.49 -6.35
N LYS B 125 -3.40 -18.34 -7.64
CA LYS B 125 -4.30 -17.30 -8.11
C LYS B 125 -5.68 -17.59 -7.56
N ALA B 126 -6.36 -16.53 -7.12
CA ALA B 126 -7.65 -16.66 -6.48
C ALA B 126 -8.51 -15.43 -6.72
N THR B 127 -9.82 -15.64 -6.75
CA THR B 127 -10.79 -14.60 -6.98
C THR B 127 -11.88 -14.70 -5.93
N VAL B 128 -12.28 -13.53 -5.40
CA VAL B 128 -13.44 -13.43 -4.53
C VAL B 128 -14.51 -12.61 -5.23
N TYR B 129 -15.73 -13.18 -5.27
CA TYR B 129 -16.88 -12.57 -5.90
CA TYR B 129 -16.85 -12.48 -5.89
C TYR B 129 -17.68 -11.90 -4.78
N THR B 130 -17.58 -10.59 -4.63
CA THR B 130 -18.17 -9.93 -3.46
C THR B 130 -19.69 -9.77 -3.55
N GLY B 131 -20.26 -10.14 -4.69
CA GLY B 131 -21.70 -10.16 -4.88
C GLY B 131 -22.32 -11.52 -4.65
N SER B 132 -21.49 -12.52 -4.34
CA SER B 132 -21.95 -13.91 -4.25
C SER B 132 -22.56 -14.22 -2.90
N ALA B 133 -23.43 -15.22 -2.88
CA ALA B 133 -24.08 -15.59 -1.63
C ALA B 133 -23.11 -15.98 -0.51
N PRO B 134 -22.00 -16.66 -0.82
CA PRO B 134 -21.04 -16.99 0.25
C PRO B 134 -20.14 -15.81 0.71
N PHE B 135 -20.31 -14.63 0.12
CA PHE B 135 -19.55 -13.48 0.60
C PHE B 135 -20.22 -12.92 1.85
N THR B 136 -19.76 -13.39 3.01
CA THR B 136 -20.37 -13.03 4.29
C THR B 136 -19.30 -12.61 5.27
N PRO B 137 -18.50 -11.60 4.90
CA PRO B 137 -17.39 -11.22 5.80
C PRO B 137 -17.85 -10.78 7.18
N LYS B 138 -19.00 -10.14 7.31
CA LYS B 138 -19.49 -9.75 8.62
C LYS B 138 -19.77 -10.97 9.51
N LEU B 139 -20.17 -12.09 8.91
CA LEU B 139 -20.35 -13.34 9.66
C LEU B 139 -19.05 -14.09 9.88
N GLY B 140 -17.97 -13.66 9.22
CA GLY B 140 -16.66 -14.26 9.42
C GLY B 140 -16.27 -15.28 8.38
N SER B 141 -16.90 -15.24 7.21
CA SER B 141 -16.66 -16.24 6.17
C SER B 141 -16.74 -15.63 4.77
N VAL B 142 -15.74 -15.92 3.92
CA VAL B 142 -15.82 -15.61 2.48
C VAL B 142 -15.30 -16.80 1.67
N GLN B 143 -15.64 -16.86 0.39
CA GLN B 143 -15.23 -17.96 -0.48
C GLN B 143 -14.33 -17.43 -1.57
N PHE B 144 -13.32 -18.21 -1.91
CA PHE B 144 -12.40 -17.92 -3.01
C PHE B 144 -12.45 -19.02 -4.04
N SER B 145 -12.45 -18.65 -5.31
CA SER B 145 -12.23 -19.61 -6.37
CA SER B 145 -12.21 -19.59 -6.38
C SER B 145 -10.74 -19.56 -6.69
N THR B 146 -10.11 -20.73 -6.79
CA THR B 146 -8.66 -20.82 -6.98
C THR B 146 -8.28 -21.72 -8.14
N ASP B 147 -6.98 -21.90 -8.33
CA ASP B 147 -6.50 -22.79 -9.40
C ASP B 147 -5.98 -24.12 -8.84
N THR B 148 -6.38 -24.45 -7.60
CA THR B 148 -6.00 -25.74 -7.02
C THR B 148 -7.17 -26.45 -6.33
N GLU B 149 -7.14 -27.79 -6.36
CA GLU B 149 -8.11 -28.62 -5.67
C GLU B 149 -7.54 -29.29 -4.42
N ASN B 150 -6.24 -29.17 -4.19
CA ASN B 150 -5.63 -29.93 -3.10
C ASN B 150 -4.41 -29.35 -2.41
N ASP B 151 -3.92 -28.19 -2.84
CA ASP B 151 -2.63 -27.73 -2.30
C ASP B 151 -2.76 -27.03 -0.94
N PHE B 152 -3.88 -26.36 -0.68
CA PHE B 152 -4.02 -25.62 0.57
C PHE B 152 -4.32 -26.57 1.73
N GLU B 153 -3.64 -26.33 2.83
CA GLU B 153 -3.80 -27.09 4.05
C GLU B 153 -4.82 -26.43 4.95
N THR B 154 -5.44 -27.24 5.81
CA THR B 154 -6.35 -26.75 6.82
C THR B 154 -5.57 -26.27 8.05
N HIS B 155 -6.19 -25.33 8.77
CA HIS B 155 -5.65 -24.85 10.02
C HIS B 155 -4.24 -24.32 9.91
N GLN B 156 -4.01 -23.59 8.82
CA GLN B 156 -2.78 -22.86 8.60
C GLN B 156 -3.10 -21.46 8.11
N ASN B 157 -2.37 -20.48 8.64
CA ASN B 157 -2.61 -19.09 8.32
C ASN B 157 -2.48 -18.84 6.82
N THR B 158 -3.50 -18.19 6.28
CA THR B 158 -3.67 -17.98 4.85
C THR B 158 -4.04 -16.52 4.62
N LYS B 159 -3.43 -15.91 3.60
CA LYS B 159 -3.67 -14.50 3.27
C LYS B 159 -4.14 -14.37 1.84
N PHE B 160 -5.07 -13.45 1.59
CA PHE B 160 -5.39 -13.00 0.25
C PHE B 160 -4.85 -11.60 0.03
N THR B 161 -4.09 -11.44 -1.03
CA THR B 161 -3.56 -10.14 -1.46
C THR B 161 -4.25 -9.77 -2.78
N PRO B 162 -4.98 -8.66 -2.80
CA PRO B 162 -5.71 -8.28 -4.02
C PRO B 162 -4.76 -7.71 -5.08
N VAL B 163 -5.09 -7.90 -6.35
CA VAL B 163 -4.34 -7.27 -7.43
C VAL B 163 -5.25 -6.42 -8.34
N GLY B 164 -6.38 -6.97 -8.75
CA GLY B 164 -7.25 -6.25 -9.65
C GLY B 164 -8.61 -6.90 -9.78
N VAL B 165 -9.28 -6.60 -10.88
CA VAL B 165 -10.66 -7.05 -11.07
C VAL B 165 -10.85 -7.75 -12.40
N ILE B 166 -11.88 -8.59 -12.47
CA ILE B 166 -12.24 -9.28 -13.70
C ILE B 166 -13.68 -9.05 -14.10
N GLN B 167 -13.99 -9.43 -15.33
CA GLN B 167 -15.34 -9.37 -15.88
C GLN B 167 -15.55 -10.57 -16.79
N ASP B 168 -16.79 -11.01 -16.91
CA ASP B 168 -17.15 -12.07 -17.85
CA ASP B 168 -17.14 -12.07 -17.85
C ASP B 168 -17.31 -11.49 -19.26
N GLY B 169 -16.31 -11.73 -20.11
CA GLY B 169 -16.27 -11.17 -21.45
C GLY B 169 -17.40 -11.57 -22.40
N SER B 170 -18.20 -12.56 -22.02
CA SER B 170 -19.32 -12.99 -22.85
C SER B 170 -20.57 -12.18 -22.53
N THR B 171 -20.43 -11.25 -21.58
CA THR B 171 -21.53 -10.39 -21.20
C THR B 171 -21.11 -8.94 -21.42
N THR B 172 -22.07 -8.04 -21.32
CA THR B 172 -21.87 -6.64 -21.67
C THR B 172 -20.59 -6.10 -21.07
N HIS B 173 -19.77 -5.49 -21.91
CA HIS B 173 -18.48 -5.00 -21.47
C HIS B 173 -18.63 -3.90 -20.45
N ARG B 174 -17.72 -3.91 -19.47
CA ARG B 174 -17.66 -2.90 -18.43
C ARG B 174 -18.88 -2.82 -17.53
N ASN B 175 -19.66 -3.91 -17.49
CA ASN B 175 -20.83 -4.02 -16.61
C ASN B 175 -20.50 -4.39 -15.17
N GLU B 176 -19.23 -4.72 -14.92
CA GLU B 176 -18.76 -4.97 -13.57
C GLU B 176 -17.26 -4.67 -13.54
N PRO B 177 -16.70 -4.39 -12.35
CA PRO B 177 -17.36 -4.18 -11.07
C PRO B 177 -18.34 -3.02 -11.08
N GLN B 178 -19.15 -2.94 -10.02
CA GLN B 178 -20.03 -1.81 -9.81
C GLN B 178 -19.55 -1.10 -8.56
N GLN B 179 -18.73 -0.06 -8.74
CA GLN B 179 -18.02 0.53 -7.62
C GLN B 179 -18.91 1.22 -6.60
N TRP B 180 -20.13 1.58 -7.00
CA TRP B 180 -21.05 2.26 -6.09
C TRP B 180 -22.13 1.35 -5.53
N VAL B 181 -21.97 0.04 -5.69
CA VAL B 181 -22.91 -0.92 -5.13
C VAL B 181 -22.22 -1.66 -3.98
N LEU B 182 -22.72 -1.45 -2.76
CA LEU B 182 -22.18 -2.12 -1.59
C LEU B 182 -22.50 -3.61 -1.65
N PRO B 183 -21.54 -4.45 -1.23
CA PRO B 183 -21.88 -5.86 -0.98
C PRO B 183 -22.87 -5.96 0.17
N SER B 184 -23.50 -7.11 0.29
CA SER B 184 -24.26 -7.45 1.48
C SER B 184 -23.32 -8.21 2.41
N TYR B 185 -22.82 -7.52 3.42
CA TYR B 185 -21.73 -8.05 4.23
C TYR B 185 -22.07 -9.31 5.03
N SER B 186 -23.36 -9.51 5.31
CA SER B 186 -23.82 -10.71 5.99
C SER B 186 -24.59 -11.64 5.08
N GLY B 187 -24.48 -11.40 3.78
CA GLY B 187 -25.10 -12.27 2.80
C GLY B 187 -26.52 -11.89 2.41
N ARG B 188 -27.19 -12.81 1.72
CA ARG B 188 -28.46 -12.54 1.07
C ARG B 188 -29.56 -12.19 2.07
N ASN B 189 -30.24 -11.09 1.82
CA ASN B 189 -31.44 -10.71 2.56
C ASN B 189 -31.15 -10.36 4.03
N VAL B 190 -29.91 -9.98 4.33
CA VAL B 190 -29.56 -9.44 5.63
C VAL B 190 -29.06 -8.01 5.42
N HIS B 191 -29.63 -7.07 6.15
CA HIS B 191 -29.28 -5.67 5.99
C HIS B 191 -27.89 -5.36 6.53
N ASN B 192 -27.19 -4.48 5.84
CA ASN B 192 -25.91 -3.98 6.33
C ASN B 192 -26.15 -3.09 7.56
N VAL B 193 -25.14 -3.03 8.43
CA VAL B 193 -25.22 -2.26 9.67
C VAL B 193 -24.03 -1.33 9.84
N HIS B 194 -24.22 -0.29 10.64
CA HIS B 194 -23.15 0.59 11.07
C HIS B 194 -22.44 1.30 9.92
N LEU B 195 -23.17 1.56 8.84
CA LEU B 195 -22.57 2.16 7.64
C LEU B 195 -22.24 3.63 7.79
N ALA B 196 -21.15 4.04 7.15
CA ALA B 196 -20.93 5.46 6.86
C ALA B 196 -22.04 5.90 5.89
N PRO B 197 -22.54 7.13 6.05
CA PRO B 197 -23.69 7.55 5.23
C PRO B 197 -23.35 7.81 3.77
N ALA B 198 -24.37 7.78 2.93
CA ALA B 198 -24.22 8.19 1.55
C ALA B 198 -23.93 9.69 1.52
N VAL B 199 -23.23 10.12 0.48
CA VAL B 199 -22.87 11.52 0.30
C VAL B 199 -23.34 12.01 -1.07
N ALA B 200 -23.63 13.30 -1.15
CA ALA B 200 -24.10 13.90 -2.39
C ALA B 200 -23.88 15.39 -2.30
N PRO B 201 -23.74 16.06 -3.46
CA PRO B 201 -23.74 17.51 -3.39
C PRO B 201 -25.10 18.02 -2.89
N THR B 202 -25.07 19.16 -2.21
CA THR B 202 -26.28 19.73 -1.61
C THR B 202 -26.53 21.17 -2.08
N PHE B 203 -25.53 21.78 -2.70
CA PHE B 203 -25.63 23.15 -3.18
C PHE B 203 -25.77 23.16 -4.70
N PRO B 204 -26.66 24.03 -5.23
CA PRO B 204 -26.87 24.01 -6.68
C PRO B 204 -25.60 24.25 -7.49
N GLY B 205 -25.40 23.47 -8.54
CA GLY B 205 -24.25 23.64 -9.42
C GLY B 205 -23.00 22.90 -8.94
N GLU B 206 -23.10 22.16 -7.85
CA GLU B 206 -21.96 21.41 -7.33
C GLU B 206 -22.02 19.93 -7.63
N GLN B 207 -20.83 19.35 -7.68
CA GLN B 207 -20.64 17.91 -7.86
C GLN B 207 -19.59 17.46 -6.87
N LEU B 208 -19.63 16.18 -6.55
CA LEU B 208 -18.53 15.55 -5.82
C LEU B 208 -17.25 15.63 -6.63
N LEU B 209 -16.14 15.79 -5.92
CA LEU B 209 -14.81 15.67 -6.50
C LEU B 209 -14.21 14.38 -5.99
N PHE B 210 -13.84 13.51 -6.92
CA PHE B 210 -13.33 12.19 -6.62
C PHE B 210 -11.84 12.10 -6.85
N PHE B 211 -11.20 11.28 -6.03
CA PHE B 211 -9.80 10.95 -6.18
C PHE B 211 -9.77 9.58 -6.87
N ARG B 212 -9.31 9.56 -8.12
CA ARG B 212 -9.53 8.45 -9.03
C ARG B 212 -8.26 7.66 -9.35
N SER B 213 -8.44 6.34 -9.41
CA SER B 213 -7.41 5.41 -9.87
C SER B 213 -8.02 4.47 -10.90
N THR B 214 -7.17 3.70 -11.57
CA THR B 214 -7.60 2.65 -12.48
C THR B 214 -7.12 1.32 -11.93
N MET B 215 -8.03 0.45 -11.53
CA MET B 215 -7.65 -0.86 -11.02
C MET B 215 -7.09 -1.71 -12.13
N PRO B 216 -6.06 -2.53 -11.85
CA PRO B 216 -5.66 -3.52 -12.85
C PRO B 216 -6.80 -4.45 -13.25
N GLY B 217 -6.88 -4.75 -14.53
CA GLY B 217 -7.81 -5.74 -15.04
C GLY B 217 -7.08 -7.05 -15.25
N CYS B 218 -7.68 -8.15 -14.83
CA CYS B 218 -7.04 -9.46 -14.85
C CYS B 218 -7.69 -10.46 -15.80
N SER B 219 -8.81 -10.08 -16.41
CA SER B 219 -9.53 -10.93 -17.35
CA SER B 219 -9.53 -10.92 -17.36
C SER B 219 -10.82 -10.23 -17.81
N GLY B 220 -11.19 -10.43 -19.07
CA GLY B 220 -12.43 -9.87 -19.58
C GLY B 220 -12.35 -8.37 -19.81
N TYR B 221 -13.49 -7.71 -19.69
CA TYR B 221 -13.63 -6.29 -20.01
C TYR B 221 -14.20 -5.54 -18.80
N PRO B 222 -13.41 -5.45 -17.73
CA PRO B 222 -13.94 -4.81 -16.52
C PRO B 222 -14.00 -3.29 -16.60
N ASN B 223 -14.90 -2.70 -15.83
CA ASN B 223 -14.83 -1.29 -15.51
C ASN B 223 -13.79 -1.09 -14.41
N MET B 224 -12.67 -0.47 -14.79
CA MET B 224 -11.52 -0.36 -13.90
C MET B 224 -11.48 0.97 -13.13
N ASP B 225 -12.45 1.86 -13.35
CA ASP B 225 -12.47 3.12 -12.62
C ASP B 225 -12.75 2.91 -11.14
N LEU B 226 -11.99 3.58 -10.29
CA LEU B 226 -12.22 3.52 -8.86
C LEU B 226 -12.00 4.88 -8.22
N ASP B 227 -13.09 5.41 -7.68
CA ASP B 227 -13.11 6.73 -7.08
C ASP B 227 -13.21 6.64 -5.58
N CYS B 228 -12.34 7.36 -4.87
CA CYS B 228 -12.47 7.47 -3.42
C CYS B 228 -12.74 8.90 -3.01
N LEU B 229 -13.31 9.06 -1.82
CA LEU B 229 -13.69 10.39 -1.35
C LEU B 229 -12.55 11.15 -0.71
N LEU B 230 -11.59 10.42 -0.17
CA LEU B 230 -10.41 10.98 0.50
C LEU B 230 -9.23 10.09 0.20
N PRO B 231 -8.05 10.68 -0.09
CA PRO B 231 -6.85 9.84 -0.16
C PRO B 231 -6.57 9.14 1.16
N GLN B 232 -5.95 7.96 1.11
CA GLN B 232 -5.63 7.27 2.34
C GLN B 232 -4.74 8.13 3.24
N GLU B 233 -3.83 8.90 2.63
CA GLU B 233 -2.96 9.78 3.40
C GLU B 233 -3.73 10.86 4.13
N TRP B 234 -4.88 11.28 3.58
CA TRP B 234 -5.72 12.25 4.30
C TRP B 234 -6.38 11.60 5.52
N VAL B 235 -6.87 10.37 5.36
CA VAL B 235 -7.40 9.60 6.48
C VAL B 235 -6.35 9.52 7.59
N GLN B 236 -5.12 9.14 7.23
CA GLN B 236 -4.07 9.02 8.25
C GLN B 236 -3.77 10.36 8.91
N HIS B 237 -3.80 11.43 8.12
CA HIS B 237 -3.49 12.77 8.61
C HIS B 237 -4.55 13.26 9.58
N PHE B 238 -5.82 13.16 9.21
CA PHE B 238 -6.90 13.65 10.06
C PHE B 238 -6.94 12.83 11.34
N TYR B 239 -6.73 11.53 11.21
CA TYR B 239 -6.72 10.65 12.38
C TYR B 239 -5.69 11.11 13.40
N GLN B 240 -4.52 11.49 12.94
CA GLN B 240 -3.48 11.95 13.84
C GLN B 240 -3.69 13.38 14.36
N GLU B 241 -4.06 14.28 13.46
CA GLU B 241 -4.18 15.70 13.80
C GLU B 241 -5.38 15.96 14.70
N ALA B 242 -6.52 15.39 14.36
CA ALA B 242 -7.74 15.54 15.15
C ALA B 242 -8.04 17.01 15.41
N ALA B 243 -7.91 17.83 14.37
CA ALA B 243 -8.21 19.25 14.51
C ALA B 243 -9.72 19.45 14.40
N PRO B 244 -10.34 20.16 15.37
CA PRO B 244 -11.79 20.36 15.37
C PRO B 244 -12.31 21.15 14.18
N ALA B 245 -13.45 20.73 13.63
CA ALA B 245 -14.06 21.47 12.54
C ALA B 245 -14.73 22.71 13.11
N GLN B 246 -14.47 23.87 12.51
CA GLN B 246 -15.04 25.11 13.03
C GLN B 246 -16.29 25.52 12.25
N SER B 247 -16.57 24.82 11.16
CA SER B 247 -17.82 24.97 10.42
C SER B 247 -18.06 23.69 9.65
N ASP B 248 -19.12 23.64 8.86
CA ASP B 248 -19.46 22.42 8.13
C ASP B 248 -18.51 22.17 6.97
N VAL B 249 -17.81 23.19 6.50
CA VAL B 249 -16.95 23.09 5.31
C VAL B 249 -15.62 23.79 5.44
N ALA B 250 -14.56 23.06 5.14
CA ALA B 250 -13.23 23.62 4.99
C ALA B 250 -13.01 23.97 3.52
N LEU B 251 -12.85 25.26 3.23
CA LEU B 251 -12.56 25.72 1.88
C LEU B 251 -11.10 25.43 1.60
N LEU B 252 -10.85 24.66 0.53
CA LEU B 252 -9.49 24.37 0.09
C LEU B 252 -9.23 25.06 -1.23
N ARG B 253 -8.00 25.52 -1.41
CA ARG B 253 -7.54 25.97 -2.70
C ARG B 253 -6.50 24.99 -3.23
N PHE B 254 -6.60 24.68 -4.50
CA PHE B 254 -5.61 23.86 -5.16
C PHE B 254 -4.66 24.78 -5.89
N VAL B 255 -3.40 24.74 -5.47
CA VAL B 255 -2.41 25.74 -5.83
C VAL B 255 -1.33 25.11 -6.68
N ASN B 256 -0.86 25.84 -7.69
CA ASN B 256 0.35 25.43 -8.39
C ASN B 256 1.54 26.21 -7.88
N PRO B 257 2.41 25.56 -7.10
CA PRO B 257 3.56 26.31 -6.57
C PRO B 257 4.52 26.76 -7.67
N ASP B 258 4.45 26.14 -8.85
CA ASP B 258 5.27 26.56 -9.99
C ASP B 258 5.01 28.02 -10.35
N THR B 259 3.74 28.33 -10.62
CA THR B 259 3.34 29.65 -11.12
C THR B 259 2.87 30.54 -9.99
N GLY B 260 2.55 29.94 -8.85
CA GLY B 260 2.07 30.67 -7.70
C GLY B 260 0.59 30.99 -7.72
N ARG B 261 -0.14 30.46 -8.71
CA ARG B 261 -1.57 30.75 -8.85
C ARG B 261 -2.48 29.60 -8.42
N VAL B 262 -3.58 29.95 -7.75
CA VAL B 262 -4.68 29.02 -7.47
C VAL B 262 -5.32 28.56 -8.77
N LEU B 263 -5.52 27.25 -8.88
CA LEU B 263 -6.14 26.66 -10.05
C LEU B 263 -7.64 26.56 -9.86
N PHE B 264 -8.06 26.09 -8.69
CA PHE B 264 -9.48 26.01 -8.36
C PHE B 264 -9.64 25.93 -6.86
N GLU B 265 -10.88 26.11 -6.42
CA GLU B 265 -11.20 25.93 -5.01
C GLU B 265 -12.30 24.89 -4.87
N CYS B 266 -12.40 24.31 -3.69
CA CYS B 266 -13.35 23.24 -3.45
C CYS B 266 -13.72 23.22 -1.98
N LYS B 267 -14.79 22.48 -1.68
CA LYS B 267 -15.28 22.36 -0.31
C LYS B 267 -14.98 20.99 0.25
N LEU B 268 -14.25 20.94 1.37
CA LEU B 268 -14.04 19.71 2.11
C LEU B 268 -15.03 19.70 3.27
N HIS B 269 -16.10 18.93 3.10
CA HIS B 269 -17.15 18.85 4.08
C HIS B 269 -16.61 18.10 5.30
N LYS B 270 -17.02 18.53 6.48
CA LYS B 270 -16.41 18.03 7.71
C LYS B 270 -16.62 16.52 7.92
N SER B 271 -17.67 15.97 7.31
CA SER B 271 -17.93 14.53 7.41
C SER B 271 -17.05 13.72 6.43
N GLY B 272 -16.22 14.41 5.65
CA GLY B 272 -15.15 13.76 4.90
C GLY B 272 -15.44 13.48 3.44
N TYR B 273 -15.78 14.52 2.68
CA TYR B 273 -15.88 14.41 1.22
C TYR B 273 -15.76 15.79 0.62
N VAL B 274 -15.50 15.85 -0.69
CA VAL B 274 -15.19 17.10 -1.38
C VAL B 274 -16.18 17.39 -2.51
N THR B 275 -16.58 18.67 -2.63
CA THR B 275 -17.40 19.10 -3.77
C THR B 275 -16.75 20.30 -4.48
N VAL B 276 -17.12 20.47 -5.76
CA VAL B 276 -16.62 21.55 -6.61
C VAL B 276 -17.79 22.13 -7.38
N ALA B 277 -17.64 23.37 -7.86
CA ALA B 277 -18.67 23.98 -8.68
C ALA B 277 -18.40 23.64 -10.13
N HIS B 278 -19.09 22.63 -10.62
CA HIS B 278 -18.99 22.18 -12.00
C HIS B 278 -20.21 21.35 -12.36
N THR B 279 -20.62 21.43 -13.61
CA THR B 279 -21.68 20.60 -14.14
C THR B 279 -21.14 19.83 -15.32
N GLY B 280 -21.15 18.50 -15.20
CA GLY B 280 -20.67 17.63 -16.26
C GLY B 280 -19.52 16.75 -15.80
N GLN B 281 -19.22 15.73 -16.60
CA GLN B 281 -18.09 14.86 -16.32
C GLN B 281 -16.83 15.57 -16.76
N HIS B 282 -15.80 15.54 -15.91
CA HIS B 282 -14.56 16.22 -16.25
C HIS B 282 -13.37 15.57 -15.55
N ASP B 283 -12.36 15.18 -16.34
CA ASP B 283 -11.07 14.78 -15.83
C ASP B 283 -10.28 16.06 -15.61
N LEU B 284 -9.94 16.37 -14.37
CA LEU B 284 -9.19 17.59 -14.12
C LEU B 284 -7.78 17.47 -14.65
N VAL B 285 -7.30 18.57 -15.24
CA VAL B 285 -5.91 18.67 -15.66
C VAL B 285 -5.17 19.50 -14.62
N ILE B 286 -4.20 18.87 -13.97
CA ILE B 286 -3.46 19.51 -12.90
C ILE B 286 -1.96 19.33 -13.10
N PRO B 287 -1.18 20.29 -12.63
CA PRO B 287 0.29 20.17 -12.72
C PRO B 287 0.80 19.18 -11.69
N PRO B 288 1.92 18.50 -11.98
CA PRO B 288 2.45 17.48 -11.08
C PRO B 288 2.74 17.96 -9.66
N ASN B 289 3.11 19.23 -9.49
CA ASN B 289 3.41 19.77 -8.16
C ASN B 289 2.23 20.42 -7.47
N GLY B 290 1.07 20.36 -8.10
CA GLY B 290 -0.12 20.96 -7.55
C GLY B 290 -0.49 20.30 -6.23
N TYR B 291 -1.00 21.08 -5.29
CA TYR B 291 -1.44 20.52 -4.02
C TYR B 291 -2.59 21.32 -3.42
N PHE B 292 -3.29 20.70 -2.48
CA PHE B 292 -4.41 21.32 -1.79
C PHE B 292 -3.92 22.03 -0.54
N ARG B 293 -4.55 23.15 -0.23
CA ARG B 293 -4.21 23.95 0.94
C ARG B 293 -5.50 24.45 1.59
N PHE B 294 -5.61 24.24 2.90
CA PHE B 294 -6.73 24.77 3.66
C PHE B 294 -6.62 26.26 3.78
N ASP B 295 -7.71 26.98 3.53
CA ASP B 295 -7.67 28.43 3.60
C ASP B 295 -8.61 29.00 4.64
N SER B 296 -9.82 28.46 4.77
CA SER B 296 -10.76 28.98 5.75
C SER B 296 -11.98 28.09 5.96
N TRP B 297 -12.60 28.25 7.12
CA TRP B 297 -13.86 27.60 7.43
C TRP B 297 -15.06 28.40 6.89
N VAL B 298 -15.90 27.76 6.09
CA VAL B 298 -17.08 28.42 5.52
C VAL B 298 -18.36 27.58 5.74
N ASN B 299 -19.51 28.11 5.32
CA ASN B 299 -20.76 27.38 5.52
C ASN B 299 -21.03 26.38 4.40
N GLN B 300 -21.97 25.47 4.66
CA GLN B 300 -22.31 24.39 3.73
C GLN B 300 -22.66 24.89 2.33
N PHE B 301 -23.31 26.05 2.26
CA PHE B 301 -23.81 26.57 0.98
C PHE B 301 -23.03 27.80 0.48
N TYR B 302 -21.76 27.88 0.89
CA TYR B 302 -20.82 28.86 0.36
C TYR B 302 -20.74 28.69 -1.16
N THR B 303 -20.67 29.81 -1.88
CA THR B 303 -20.63 29.74 -3.34
C THR B 303 -19.19 29.72 -3.83
N LEU B 304 -18.81 28.61 -4.45
CA LEU B 304 -17.48 28.47 -5.01
C LEU B 304 -17.34 29.15 -6.35
N ALA B 305 -16.15 29.67 -6.63
CA ALA B 305 -15.81 30.03 -7.99
C ALA B 305 -15.88 28.78 -8.86
N PRO B 306 -16.38 28.91 -10.08
CA PRO B 306 -16.46 27.74 -10.97
C PRO B 306 -15.10 27.12 -11.17
N MET B 307 -15.10 25.80 -11.09
CA MET B 307 -13.87 25.03 -11.21
C MET B 307 -13.22 25.31 -12.54
C1 GLA C . -11.63 -14.69 -20.62
C2 GLA C . -10.18 -15.17 -20.41
C3 GLA C . -10.07 -16.67 -20.61
C4 GLA C . -11.13 -17.41 -19.80
C5 GLA C . -12.51 -16.81 -20.04
C6 GLA C . -13.57 -17.50 -19.18
O1 GLA C . -12.01 -14.94 -21.97
O2 GLA C . -9.33 -14.49 -21.35
O3 GLA C . -8.77 -17.10 -20.20
O4 GLA C . -10.81 -17.33 -18.41
O5 GLA C . -12.49 -15.42 -19.73
O6 GLA C . -14.86 -16.99 -19.52
C1 FUC C . -9.01 -13.22 -20.79
C2 FUC C . -7.60 -12.91 -21.27
C3 FUC C . -7.60 -12.70 -22.80
C4 FUC C . -8.60 -11.61 -23.22
C5 FUC C . -9.98 -11.98 -22.64
C6 FUC C . -11.01 -10.89 -22.88
O2 FUC C . -6.69 -13.93 -20.93
O3 FUC C . -6.31 -12.29 -23.26
O4 FUC C . -8.22 -10.29 -22.75
O5 FUC C . -9.91 -12.21 -21.19
O5 A2G C . -8.13 -18.10 -22.29
C1 A2G C . -8.37 -18.19 -20.89
C2 A2G C . -7.06 -18.46 -20.17
N2 A2G C . -7.29 -18.50 -18.73
C3 A2G C . -6.02 -17.39 -20.49
O3 A2G C . -4.75 -17.79 -19.98
C4 A2G C . -5.92 -17.17 -22.00
O4 A2G C . -5.28 -18.30 -22.60
C5 A2G C . -7.30 -16.97 -22.62
C6 A2G C . -7.21 -16.84 -24.12
O6 A2G C . -8.49 -16.50 -24.66
C7 A2G C . -7.42 -19.65 -18.08
O7 A2G C . -7.23 -20.73 -18.63
C8 A2G C . -7.81 -19.55 -16.64
C1 GLA D . 7.59 -26.37 -4.83
C2 GLA D . 6.13 -26.19 -5.21
C3 GLA D . 5.79 -27.00 -6.45
C4 GLA D . 6.81 -26.75 -7.57
C5 GLA D . 8.23 -26.90 -7.04
C6 GLA D . 9.25 -26.58 -8.13
O1 GLA D . 7.83 -27.74 -4.47
O2 GLA D . 5.30 -26.61 -4.13
O3 GLA D . 4.48 -26.64 -6.93
O4 GLA D . 6.63 -25.44 -8.10
O5 GLA D . 8.42 -26.02 -5.94
O6 GLA D . 10.57 -26.84 -7.64
C1 FUC D . 5.21 -25.51 -3.21
C2 FUC D . 3.82 -25.60 -2.61
C3 FUC D . 3.72 -26.87 -1.74
C4 FUC D . 4.83 -26.91 -0.67
C5 FUC D . 6.19 -26.74 -1.37
C6 FUC D . 7.33 -26.63 -0.39
O2 FUC D . 2.80 -25.60 -3.59
O3 FUC D . 2.47 -26.92 -1.05
O4 FUC D . 4.67 -25.88 0.32
O5 FUC D . 6.21 -25.54 -2.21
O5 A2G D . 3.48 -28.84 -6.83
C1 A2G D . 3.83 -27.68 -7.57
C2 A2G D . 2.56 -26.96 -8.01
N2 A2G D . 2.90 -25.74 -8.72
C3 A2G D . 1.67 -26.64 -6.82
O3 A2G D . 0.39 -26.18 -7.28
C4 A2G D . 1.48 -27.87 -5.93
O4 A2G D . 0.62 -28.81 -6.60
C5 A2G D . 2.81 -28.53 -5.61
C6 A2G D . 2.61 -29.80 -4.80
O6 A2G D . 3.87 -30.30 -4.36
C7 A2G D . 2.93 -25.70 -10.05
O7 A2G D . 2.55 -26.62 -10.74
C8 A2G D . 3.47 -24.43 -10.64
C ACT E . 10.90 -4.92 24.90
O ACT E . 10.56 -6.13 24.74
OXT ACT E . 12.07 -4.71 25.29
CH3 ACT E . 9.97 -3.78 24.63
C ACT F . -9.27 21.55 -14.60
O ACT F . -10.36 22.15 -14.47
OXT ACT F . -9.11 20.84 -15.62
CH3 ACT F . -8.19 21.71 -13.55
#